data_7LIB
# 
_entry.id   7LIB 
# 
_audit_conform.dict_name       mmcif_pdbx.dic 
_audit_conform.dict_version    5.381 
_audit_conform.dict_location   http://mmcif.pdb.org/dictionaries/ascii/mmcif_pdbx.dic 
# 
loop_
_database_2.database_id 
_database_2.database_code 
_database_2.pdbx_database_accession 
_database_2.pdbx_DOI 
PDB   7LIB         pdb_00007lib 10.2210/pdb7lib/pdb 
WWPDB D_1000254293 ?            ?                   
# 
_pdbx_database_status.status_code                     REL 
_pdbx_database_status.status_code_sf                  REL 
_pdbx_database_status.status_code_mr                  ? 
_pdbx_database_status.entry_id                        7LIB 
_pdbx_database_status.recvd_initial_deposition_date   2021-01-26 
_pdbx_database_status.SG_entry                        N 
_pdbx_database_status.deposit_site                    RCSB 
_pdbx_database_status.process_site                    RCSB 
_pdbx_database_status.status_code_cs                  ? 
_pdbx_database_status.status_code_nmr_data            ? 
_pdbx_database_status.methods_development_category    ? 
_pdbx_database_status.pdb_format_compatible           Y 
# 
loop_
_audit_author.name 
_audit_author.pdbx_ordinal 
_audit_author.identifier_ORCID 
'Wierzbicki, M.' 1 0000-0002-9217-634X 
'Nowick, J.S.'   2 0000-0002-2273-1029 
'Li, X.'         3 0000-0002-3032-4255 
# 
_citation.abstract                  ? 
_citation.abstract_id_CAS           ? 
_citation.book_id_ISBN              ? 
_citation.book_publisher            ? 
_citation.book_publisher_city       ? 
_citation.book_title                ? 
_citation.coordinate_linkage        ? 
_citation.country                   GE 
_citation.database_id_Medline       ? 
_citation.details                   ? 
_citation.id                        primary 
_citation.journal_abbrev            Angew.Chem.Int.Ed.Engl. 
_citation.journal_id_ASTM           ACIEAY 
_citation.journal_id_CSD            0179 
_citation.journal_id_ISSN           1521-3773 
_citation.journal_full              ? 
_citation.journal_issue             ? 
_citation.journal_volume            60 
_citation.language                  ? 
_citation.page_first                22776 
_citation.page_last                 22782 
_citation.title                     'An Improved Turn Structure for Inducing beta-Hairpin Formation in Peptides.' 
_citation.year                      2021 
_citation.database_id_CSD           ? 
_citation.pdbx_database_id_DOI      10.1002/anie.202105559 
_citation.pdbx_database_id_PubMed   34258835 
_citation.unpublished_flag          ? 
# 
loop_
_citation_author.citation_id 
_citation_author.name 
_citation_author.ordinal 
_citation_author.identifier_ORCID 
primary 'Li, X.'         1 ? 
primary 'Sabol, A.L.'    2 ? 
primary 'Wierzbicki, M.' 3 ? 
primary 'Salveson, P.J.' 4 ? 
primary 'Nowick, J.S.'   5 ? 
# 
_cell.angle_alpha                  90.000 
_cell.angle_alpha_esd              ? 
_cell.angle_beta                   90.000 
_cell.angle_beta_esd               ? 
_cell.angle_gamma                  90.000 
_cell.angle_gamma_esd              ? 
_cell.entry_id                     7LIB 
_cell.details                      ? 
_cell.formula_units_Z              ? 
_cell.length_a                     38.574 
_cell.length_a_esd                 ? 
_cell.length_b                     38.574 
_cell.length_b_esd                 ? 
_cell.length_c                     34.925 
_cell.length_c_esd                 ? 
_cell.volume                       51966.534 
_cell.volume_esd                   ? 
_cell.Z_PDB                        16 
_cell.reciprocal_angle_alpha       ? 
_cell.reciprocal_angle_beta        ? 
_cell.reciprocal_angle_gamma       ? 
_cell.reciprocal_angle_alpha_esd   ? 
_cell.reciprocal_angle_beta_esd    ? 
_cell.reciprocal_angle_gamma_esd   ? 
_cell.reciprocal_length_a          ? 
_cell.reciprocal_length_b          ? 
_cell.reciprocal_length_c          ? 
_cell.reciprocal_length_a_esd      ? 
_cell.reciprocal_length_b_esd      ? 
_cell.reciprocal_length_c_esd      ? 
_cell.pdbx_unique_axis             ? 
# 
_symmetry.entry_id                         7LIB 
_symmetry.cell_setting                     ? 
_symmetry.Int_Tables_number                97 
_symmetry.space_group_name_Hall            'I 4 2' 
_symmetry.space_group_name_H-M             'I 4 2 2' 
_symmetry.pdbx_full_space_group_name_H-M   ? 
# 
loop_
_entity.id 
_entity.type 
_entity.src_method 
_entity.pdbx_description 
_entity.formula_weight 
_entity.pdbx_number_of_molecules 
_entity.pdbx_ec 
_entity.pdbx_mutation 
_entity.pdbx_fragment 
_entity.details 
1 polymer syn 'Cyclic peptide ORD-TYR-LEU-LEU-PHI-TYR-THR-GLU-GMO-LYS-VAL-THR-MVA-THR-VAL-LYS' 2088.272 1  ? ? ? ? 
2 water   nat water                                                                            18.015   12 ? ? ? ? 
# 
_entity_poly.entity_id                      1 
_entity_poly.type                           'polypeptide(L)' 
_entity_poly.nstd_linkage                   no 
_entity_poly.nstd_monomer                   yes 
_entity_poly.pdbx_seq_one_letter_code       '(ORN)YLL(PHI)YTE(Y1V)KVT(MVA)TVK' 
_entity_poly.pdbx_seq_one_letter_code_can   AYLLFYTELKVTVTVK 
_entity_poly.pdbx_strand_id                 A 
_entity_poly.pdbx_target_identifier         ? 
# 
loop_
_entity_poly_seq.entity_id 
_entity_poly_seq.num 
_entity_poly_seq.mon_id 
_entity_poly_seq.hetero 
1 1  ORN n 
1 2  TYR n 
1 3  LEU n 
1 4  LEU n 
1 5  PHI n 
1 6  TYR n 
1 7  THR n 
1 8  GLU n 
1 9  Y1V n 
1 10 LYS n 
1 11 VAL n 
1 12 THR n 
1 13 MVA n 
1 14 THR n 
1 15 VAL n 
1 16 LYS n 
# 
_pdbx_entity_src_syn.entity_id              1 
_pdbx_entity_src_syn.pdbx_src_id            1 
_pdbx_entity_src_syn.pdbx_alt_source_flag   sample 
_pdbx_entity_src_syn.pdbx_beg_seq_num       1 
_pdbx_entity_src_syn.pdbx_end_seq_num       16 
_pdbx_entity_src_syn.organism_scientific    'synthetic construct' 
_pdbx_entity_src_syn.organism_common_name   ? 
_pdbx_entity_src_syn.ncbi_taxonomy_id       32630 
_pdbx_entity_src_syn.details                ? 
# 
_struct_ref.id                         1 
_struct_ref.db_name                    PDB 
_struct_ref.db_code                    7LIB 
_struct_ref.pdbx_db_accession          7LIB 
_struct_ref.pdbx_db_isoform            ? 
_struct_ref.entity_id                  1 
_struct_ref.pdbx_seq_one_letter_code   ? 
_struct_ref.pdbx_align_begin           1 
# 
_struct_ref_seq.align_id                      1 
_struct_ref_seq.ref_id                        1 
_struct_ref_seq.pdbx_PDB_id_code              7LIB 
_struct_ref_seq.pdbx_strand_id                A 
_struct_ref_seq.seq_align_beg                 1 
_struct_ref_seq.pdbx_seq_align_beg_ins_code   ? 
_struct_ref_seq.seq_align_end                 16 
_struct_ref_seq.pdbx_seq_align_end_ins_code   ? 
_struct_ref_seq.pdbx_db_accession             7LIB 
_struct_ref_seq.db_align_beg                  1 
_struct_ref_seq.pdbx_db_align_beg_ins_code    ? 
_struct_ref_seq.db_align_end                  16 
_struct_ref_seq.pdbx_db_align_end_ins_code    ? 
_struct_ref_seq.pdbx_auth_seq_align_beg       1 
_struct_ref_seq.pdbx_auth_seq_align_end       16 
# 
loop_
_chem_comp.id 
_chem_comp.type 
_chem_comp.mon_nstd_flag 
_chem_comp.name 
_chem_comp.pdbx_synonyms 
_chem_comp.formula 
_chem_comp.formula_weight 
GLU 'L-peptide linking' y 'GLUTAMIC ACID'          ? 'C5 H9 N O4'     147.129 
HOH non-polymer         . WATER                    ? 'H2 O'           18.015  
LEU 'L-peptide linking' y LEUCINE                  ? 'C6 H13 N O2'    131.173 
LYS 'L-peptide linking' y LYSINE                   ? 'C6 H15 N2 O2 1' 147.195 
MVA 'L-peptide linking' n N-METHYLVALINE           ? 'C6 H13 N O2'    131.173 
ORN 'L-peptide linking' n L-ornithine              ? 'C5 H12 N2 O2'   132.161 
PHI 'L-peptide linking' n IODO-PHENYLALANINE       ? 'C9 H10 I N O2'  291.086 
THR 'L-peptide linking' y THREONINE                ? 'C4 H9 N O3'     119.119 
TYR 'L-peptide linking' y TYROSINE                 ? 'C9 H11 N O3'    181.189 
VAL 'L-peptide linking' y VALINE                   ? 'C5 H11 N O2'    117.146 
Y1V 'L-peptide linking' n '(4R)-5-amino-L-leucine' ? 'C6 H14 N2 O2'   146.188 
# 
_exptl.absorpt_coefficient_mu     ? 
_exptl.absorpt_correction_T_max   ? 
_exptl.absorpt_correction_T_min   ? 
_exptl.absorpt_correction_type    ? 
_exptl.absorpt_process_details    ? 
_exptl.entry_id                   7LIB 
_exptl.crystals_number            1 
_exptl.details                    ? 
_exptl.method                     'X-RAY DIFFRACTION' 
_exptl.method_details             ? 
# 
_exptl_crystal.colour                      ? 
_exptl_crystal.density_diffrn              ? 
_exptl_crystal.density_Matthews            1.42 
_exptl_crystal.density_method              ? 
_exptl_crystal.density_percent_sol         20.92 
_exptl_crystal.description                 ? 
_exptl_crystal.F_000                       ? 
_exptl_crystal.id                          1 
_exptl_crystal.preparation                 ? 
_exptl_crystal.size_max                    ? 
_exptl_crystal.size_mid                    ? 
_exptl_crystal.size_min                    ? 
_exptl_crystal.size_rad                    ? 
_exptl_crystal.colour_lustre               ? 
_exptl_crystal.colour_modifier             ? 
_exptl_crystal.colour_primary              ? 
_exptl_crystal.density_meas                ? 
_exptl_crystal.density_meas_esd            ? 
_exptl_crystal.density_meas_gt             ? 
_exptl_crystal.density_meas_lt             ? 
_exptl_crystal.density_meas_temp           ? 
_exptl_crystal.density_meas_temp_esd       ? 
_exptl_crystal.density_meas_temp_gt        ? 
_exptl_crystal.density_meas_temp_lt        ? 
_exptl_crystal.pdbx_crystal_image_url      ? 
_exptl_crystal.pdbx_crystal_image_format   ? 
_exptl_crystal.pdbx_mosaicity              ? 
_exptl_crystal.pdbx_mosaicity_esd          ? 
# 
_exptl_crystal_grow.apparatus       ? 
_exptl_crystal_grow.atmosphere      ? 
_exptl_crystal_grow.crystal_id      1 
_exptl_crystal_grow.details         ? 
_exptl_crystal_grow.method          'VAPOR DIFFUSION, HANGING DROP' 
_exptl_crystal_grow.method_ref      ? 
_exptl_crystal_grow.pH              ? 
_exptl_crystal_grow.pressure        ? 
_exptl_crystal_grow.pressure_esd    ? 
_exptl_crystal_grow.seeding         ? 
_exptl_crystal_grow.seeding_ref     ? 
_exptl_crystal_grow.temp            298 
_exptl_crystal_grow.temp_details    ? 
_exptl_crystal_grow.temp_esd        ? 
_exptl_crystal_grow.time            ? 
_exptl_crystal_grow.pdbx_details    '0.1 M SPG buffer, pH 10.5, 31% PEG1500' 
_exptl_crystal_grow.pdbx_pH_range   ? 
# 
_diffrn.ambient_environment              ? 
_diffrn.ambient_temp                     100 
_diffrn.ambient_temp_details             ? 
_diffrn.ambient_temp_esd                 ? 
_diffrn.crystal_id                       1 
_diffrn.crystal_support                  ? 
_diffrn.crystal_treatment                ? 
_diffrn.details                          ? 
_diffrn.id                               1 
_diffrn.ambient_pressure                 ? 
_diffrn.ambient_pressure_esd             ? 
_diffrn.ambient_pressure_gt              ? 
_diffrn.ambient_pressure_lt              ? 
_diffrn.ambient_temp_gt                  ? 
_diffrn.ambient_temp_lt                  ? 
_diffrn.pdbx_serial_crystal_experiment   N 
# 
_diffrn_detector.details                      ? 
_diffrn_detector.detector                     PIXEL 
_diffrn_detector.diffrn_id                    1 
_diffrn_detector.type                         'DECTRIS PILATUS 6M' 
_diffrn_detector.area_resol_mean              ? 
_diffrn_detector.dtime                        ? 
_diffrn_detector.pdbx_frames_total            ? 
_diffrn_detector.pdbx_collection_time_total   ? 
_diffrn_detector.pdbx_collection_date         2020-03-01 
_diffrn_detector.pdbx_frequency               ? 
# 
_diffrn_radiation.collimation                      ? 
_diffrn_radiation.diffrn_id                        1 
_diffrn_radiation.filter_edge                      ? 
_diffrn_radiation.inhomogeneity                    ? 
_diffrn_radiation.monochromator                    ? 
_diffrn_radiation.polarisn_norm                    ? 
_diffrn_radiation.polarisn_ratio                   ? 
_diffrn_radiation.probe                            ? 
_diffrn_radiation.type                             ? 
_diffrn_radiation.xray_symbol                      ? 
_diffrn_radiation.wavelength_id                    1 
_diffrn_radiation.pdbx_monochromatic_or_laue_m_l   M 
_diffrn_radiation.pdbx_wavelength_list             ? 
_diffrn_radiation.pdbx_wavelength                  ? 
_diffrn_radiation.pdbx_diffrn_protocol             'SINGLE WAVELENGTH' 
_diffrn_radiation.pdbx_analyzer                    ? 
_diffrn_radiation.pdbx_scattering_type             x-ray 
# 
_diffrn_radiation_wavelength.id           1 
_diffrn_radiation_wavelength.wavelength   1.000 
_diffrn_radiation_wavelength.wt           1.0 
# 
_diffrn_source.current                     ? 
_diffrn_source.details                     ? 
_diffrn_source.diffrn_id                   1 
_diffrn_source.power                       ? 
_diffrn_source.size                        ? 
_diffrn_source.source                      SYNCHROTRON 
_diffrn_source.target                      ? 
_diffrn_source.type                        'SSRL BEAMLINE BL9-2' 
_diffrn_source.voltage                     ? 
_diffrn_source.take-off_angle              ? 
_diffrn_source.pdbx_wavelength_list        1.000 
_diffrn_source.pdbx_wavelength             ? 
_diffrn_source.pdbx_synchrotron_beamline   BL9-2 
_diffrn_source.pdbx_synchrotron_site       SSRL 
# 
_reflns.B_iso_Wilson_estimate            9.56 
_reflns.entry_id                         7LIB 
_reflns.data_reduction_details           ? 
_reflns.data_reduction_method            ? 
_reflns.d_resolution_high                1.03 
_reflns.d_resolution_low                 27.28 
_reflns.details                          ? 
_reflns.limit_h_max                      ? 
_reflns.limit_h_min                      ? 
_reflns.limit_k_max                      ? 
_reflns.limit_k_min                      ? 
_reflns.limit_l_max                      ? 
_reflns.limit_l_min                      ? 
_reflns.number_all                       ? 
_reflns.number_obs                       5812 
_reflns.observed_criterion               ? 
_reflns.observed_criterion_F_max         ? 
_reflns.observed_criterion_F_min         ? 
_reflns.observed_criterion_I_max         ? 
_reflns.observed_criterion_I_min         ? 
_reflns.observed_criterion_sigma_F       ? 
_reflns.observed_criterion_sigma_I       ? 
_reflns.percent_possible_obs             85.3 
_reflns.R_free_details                   ? 
_reflns.Rmerge_F_all                     ? 
_reflns.Rmerge_F_obs                     ? 
_reflns.Friedel_coverage                 ? 
_reflns.number_gt                        ? 
_reflns.threshold_expression             ? 
_reflns.pdbx_redundancy                  20.7 
_reflns.pdbx_Rmerge_I_obs                0.108 
_reflns.pdbx_Rmerge_I_all                ? 
_reflns.pdbx_Rsym_value                  ? 
_reflns.pdbx_netI_over_av_sigmaI         ? 
_reflns.pdbx_netI_over_sigmaI            20.4 
_reflns.pdbx_res_netI_over_av_sigmaI_2   ? 
_reflns.pdbx_res_netI_over_sigmaI_2      ? 
_reflns.pdbx_chi_squared                 ? 
_reflns.pdbx_scaling_rejects             ? 
_reflns.pdbx_d_res_high_opt              ? 
_reflns.pdbx_d_res_low_opt               ? 
_reflns.pdbx_d_res_opt_method            ? 
_reflns.phase_calculation_details        ? 
_reflns.pdbx_Rrim_I_all                  ? 
_reflns.pdbx_Rpim_I_all                  ? 
_reflns.pdbx_d_opt                       ? 
_reflns.pdbx_number_measured_all         ? 
_reflns.pdbx_diffrn_id                   1 
_reflns.pdbx_ordinal                     1 
_reflns.pdbx_CC_half                     0.994 
_reflns.pdbx_CC_star                     ? 
_reflns.pdbx_R_split                     ? 
# 
_reflns_shell.d_res_high                  1.03 
_reflns_shell.d_res_low                   1.05 
_reflns_shell.meanI_over_sigI_all         ? 
_reflns_shell.meanI_over_sigI_obs         ? 
_reflns_shell.number_measured_all         ? 
_reflns_shell.number_measured_obs         ? 
_reflns_shell.number_possible             ? 
_reflns_shell.number_unique_all           ? 
_reflns_shell.number_unique_obs           40 
_reflns_shell.percent_possible_all        ? 
_reflns_shell.percent_possible_obs        ? 
_reflns_shell.Rmerge_F_all                ? 
_reflns_shell.Rmerge_F_obs                ? 
_reflns_shell.Rmerge_I_all                ? 
_reflns_shell.Rmerge_I_obs                ? 
_reflns_shell.meanI_over_sigI_gt          ? 
_reflns_shell.meanI_over_uI_all           ? 
_reflns_shell.meanI_over_uI_gt            ? 
_reflns_shell.number_measured_gt          ? 
_reflns_shell.number_unique_gt            ? 
_reflns_shell.percent_possible_gt         ? 
_reflns_shell.Rmerge_F_gt                 ? 
_reflns_shell.Rmerge_I_gt                 ? 
_reflns_shell.pdbx_redundancy             ? 
_reflns_shell.pdbx_Rsym_value             ? 
_reflns_shell.pdbx_chi_squared            ? 
_reflns_shell.pdbx_netI_over_sigmaI_all   ? 
_reflns_shell.pdbx_netI_over_sigmaI_obs   ? 
_reflns_shell.pdbx_Rrim_I_all             ? 
_reflns_shell.pdbx_Rpim_I_all             ? 
_reflns_shell.pdbx_rejects                ? 
_reflns_shell.pdbx_ordinal                1 
_reflns_shell.pdbx_diffrn_id              1 
_reflns_shell.pdbx_CC_half                0.737 
_reflns_shell.pdbx_CC_star                ? 
_reflns_shell.pdbx_R_split                ? 
# 
_refine.aniso_B[1][1]                            ? 
_refine.aniso_B[1][2]                            ? 
_refine.aniso_B[1][3]                            ? 
_refine.aniso_B[2][2]                            ? 
_refine.aniso_B[2][3]                            ? 
_refine.aniso_B[3][3]                            ? 
_refine.B_iso_max                                ? 
_refine.B_iso_mean                               12.40 
_refine.B_iso_min                                ? 
_refine.correlation_coeff_Fo_to_Fc               ? 
_refine.correlation_coeff_Fo_to_Fc_free          ? 
_refine.details                                  ? 
_refine.diff_density_max                         ? 
_refine.diff_density_max_esd                     ? 
_refine.diff_density_min                         ? 
_refine.diff_density_min_esd                     ? 
_refine.diff_density_rms                         ? 
_refine.diff_density_rms_esd                     ? 
_refine.entry_id                                 7LIB 
_refine.pdbx_refine_id                           'X-RAY DIFFRACTION' 
_refine.ls_abs_structure_details                 ? 
_refine.ls_abs_structure_Flack                   ? 
_refine.ls_abs_structure_Flack_esd               ? 
_refine.ls_abs_structure_Rogers                  ? 
_refine.ls_abs_structure_Rogers_esd              ? 
_refine.ls_d_res_high                            1.10 
_refine.ls_d_res_low                             27.28 
_refine.ls_extinction_coef                       ? 
_refine.ls_extinction_coef_esd                   ? 
_refine.ls_extinction_expression                 ? 
_refine.ls_extinction_method                     ? 
_refine.ls_goodness_of_fit_all                   ? 
_refine.ls_goodness_of_fit_all_esd               ? 
_refine.ls_goodness_of_fit_obs                   ? 
_refine.ls_goodness_of_fit_obs_esd               ? 
_refine.ls_hydrogen_treatment                    ? 
_refine.ls_matrix_type                           ? 
_refine.ls_number_constraints                    ? 
_refine.ls_number_parameters                     ? 
_refine.ls_number_reflns_all                     ? 
_refine.ls_number_reflns_obs                     5413 
_refine.ls_number_reflns_R_free                  271 
_refine.ls_number_reflns_R_work                  5142 
_refine.ls_number_restraints                     ? 
_refine.ls_percent_reflns_obs                    96.27 
_refine.ls_percent_reflns_R_free                 5.01 
_refine.ls_R_factor_all                          ? 
_refine.ls_R_factor_obs                          0.1790 
_refine.ls_R_factor_R_free                       0.2083 
_refine.ls_R_factor_R_free_error                 ? 
_refine.ls_R_factor_R_free_error_details         ? 
_refine.ls_R_factor_R_work                       0.1775 
_refine.ls_R_Fsqd_factor_obs                     ? 
_refine.ls_R_I_factor_obs                        ? 
_refine.ls_redundancy_reflns_all                 ? 
_refine.ls_redundancy_reflns_obs                 ? 
_refine.ls_restrained_S_all                      ? 
_refine.ls_restrained_S_obs                      ? 
_refine.ls_shift_over_esd_max                    ? 
_refine.ls_shift_over_esd_mean                   ? 
_refine.ls_structure_factor_coef                 ? 
_refine.ls_weighting_details                     ? 
_refine.ls_weighting_scheme                      ? 
_refine.ls_wR_factor_all                         ? 
_refine.ls_wR_factor_obs                         ? 
_refine.ls_wR_factor_R_free                      ? 
_refine.ls_wR_factor_R_work                      ? 
_refine.occupancy_max                            ? 
_refine.occupancy_min                            ? 
_refine.solvent_model_details                    'FLAT BULK SOLVENT MODEL' 
_refine.solvent_model_param_bsol                 ? 
_refine.solvent_model_param_ksol                 ? 
_refine.pdbx_R_complete                          ? 
_refine.ls_R_factor_gt                           ? 
_refine.ls_goodness_of_fit_gt                    ? 
_refine.ls_goodness_of_fit_ref                   ? 
_refine.ls_shift_over_su_max                     ? 
_refine.ls_shift_over_su_max_lt                  ? 
_refine.ls_shift_over_su_mean                    ? 
_refine.ls_shift_over_su_mean_lt                 ? 
_refine.pdbx_ls_sigma_I                          ? 
_refine.pdbx_ls_sigma_F                          1.37 
_refine.pdbx_ls_sigma_Fsqd                       ? 
_refine.pdbx_data_cutoff_high_absF               ? 
_refine.pdbx_data_cutoff_high_rms_absF           ? 
_refine.pdbx_data_cutoff_low_absF                ? 
_refine.pdbx_isotropic_thermal_model             ? 
_refine.pdbx_ls_cross_valid_method               'FREE R-VALUE' 
_refine.pdbx_method_to_determine_struct          SAD 
_refine.pdbx_starting_model                      ? 
_refine.pdbx_stereochemistry_target_values       'GeoStd + Monomer Library + CDL v1.2' 
_refine.pdbx_R_Free_selection_details            ? 
_refine.pdbx_stereochem_target_val_spec_case     ? 
_refine.pdbx_overall_ESU_R                       ? 
_refine.pdbx_overall_ESU_R_Free                  ? 
_refine.pdbx_solvent_vdw_probe_radii             1.1100 
_refine.pdbx_solvent_ion_probe_radii             ? 
_refine.pdbx_solvent_shrinkage_radii             0.9000 
_refine.pdbx_real_space_R                        ? 
_refine.pdbx_density_correlation                 ? 
_refine.pdbx_pd_number_of_powder_patterns        ? 
_refine.pdbx_pd_number_of_points                 ? 
_refine.pdbx_pd_meas_number_of_points            ? 
_refine.pdbx_pd_proc_ls_prof_R_factor            ? 
_refine.pdbx_pd_proc_ls_prof_wR_factor           ? 
_refine.pdbx_pd_Marquardt_correlation_coeff      ? 
_refine.pdbx_pd_Fsqrd_R_factor                   ? 
_refine.pdbx_pd_ls_matrix_band_width             ? 
_refine.pdbx_overall_phase_error                 17.9122 
_refine.pdbx_overall_SU_R_free_Cruickshank_DPI   ? 
_refine.pdbx_overall_SU_R_free_Blow_DPI          ? 
_refine.pdbx_overall_SU_R_Blow_DPI               ? 
_refine.pdbx_TLS_residual_ADP_flag               ? 
_refine.pdbx_diffrn_id                           1 
_refine.overall_SU_B                             ? 
_refine.overall_SU_ML                            0.0750 
_refine.overall_SU_R_Cruickshank_DPI             ? 
_refine.overall_SU_R_free                        ? 
_refine.overall_FOM_free_R_set                   ? 
_refine.overall_FOM_work_R_set                   ? 
_refine.pdbx_average_fsc_overall                 ? 
_refine.pdbx_average_fsc_work                    ? 
_refine.pdbx_average_fsc_free                    ? 
# 
_refine_hist.pdbx_refine_id                   'X-RAY DIFFRACTION' 
_refine_hist.cycle_id                         LAST 
_refine_hist.details                          ? 
_refine_hist.d_res_high                       1.10 
_refine_hist.d_res_low                        27.28 
_refine_hist.number_atoms_solvent             12 
_refine_hist.number_atoms_total               151 
_refine_hist.number_reflns_all                ? 
_refine_hist.number_reflns_obs                ? 
_refine_hist.number_reflns_R_free             ? 
_refine_hist.number_reflns_R_work             ? 
_refine_hist.R_factor_all                     ? 
_refine_hist.R_factor_obs                     ? 
_refine_hist.R_factor_R_free                  ? 
_refine_hist.R_factor_R_work                  ? 
_refine_hist.pdbx_number_residues_total       ? 
_refine_hist.pdbx_B_iso_mean_ligand           ? 
_refine_hist.pdbx_B_iso_mean_solvent          ? 
_refine_hist.pdbx_number_atoms_protein        139 
_refine_hist.pdbx_number_atoms_nucleic_acid   0 
_refine_hist.pdbx_number_atoms_ligand         0 
_refine_hist.pdbx_number_atoms_lipid          ? 
_refine_hist.pdbx_number_atoms_carb           ? 
_refine_hist.pdbx_pseudo_atom_details         ? 
# 
loop_
_refine_ls_restr.pdbx_refine_id 
_refine_ls_restr.criterion 
_refine_ls_restr.dev_ideal 
_refine_ls_restr.dev_ideal_target 
_refine_ls_restr.number 
_refine_ls_restr.rejects 
_refine_ls_restr.type 
_refine_ls_restr.weight 
_refine_ls_restr.pdbx_restraint_function 
'X-RAY DIFFRACTION' ? 0.0152  ? 165 ? f_bond_d           ? ? 
'X-RAY DIFFRACTION' ? 2.1146  ? 227 ? f_angle_d          ? ? 
'X-RAY DIFFRACTION' ? 0.0996  ? 30  ? f_chiral_restr     ? ? 
'X-RAY DIFFRACTION' ? 0.0092  ? 24  ? f_plane_restr      ? ? 
'X-RAY DIFFRACTION' ? 29.6936 ? 37  ? f_dihedral_angle_d ? ? 
# 
loop_
_refine_ls_shell.pdbx_refine_id 
_refine_ls_shell.d_res_high 
_refine_ls_shell.d_res_low 
_refine_ls_shell.number_reflns_all 
_refine_ls_shell.number_reflns_obs 
_refine_ls_shell.number_reflns_R_free 
_refine_ls_shell.number_reflns_R_work 
_refine_ls_shell.percent_reflns_obs 
_refine_ls_shell.percent_reflns_R_free 
_refine_ls_shell.R_factor_all 
_refine_ls_shell.R_factor_obs 
_refine_ls_shell.R_factor_R_free 
_refine_ls_shell.R_factor_R_free_error 
_refine_ls_shell.R_factor_R_work 
_refine_ls_shell.redundancy_reflns_all 
_refine_ls_shell.redundancy_reflns_obs 
_refine_ls_shell.wR_factor_all 
_refine_ls_shell.wR_factor_obs 
_refine_ls_shell.wR_factor_R_free 
_refine_ls_shell.wR_factor_R_work 
_refine_ls_shell.pdbx_R_complete 
_refine_ls_shell.pdbx_total_number_of_bins_used 
_refine_ls_shell.pdbx_phase_error 
_refine_ls_shell.pdbx_fsc_work 
_refine_ls_shell.pdbx_fsc_free 
'X-RAY DIFFRACTION' 1.10 1.39  . . 118 2424 92.64 . . . 0.2259 . 0.2031 . . . . . . . . . . . 
'X-RAY DIFFRACTION' 1.39 27.28 . . 153 2718 99.72 . . . 0.2036 . 0.1713 . . . . . . . . . . . 
# 
_struct.entry_id                     7LIB 
_struct.title                        
'X-ray crystal structure of a cyclic peptide containing beta-2-microglobulin (63-69) and a gamma-methylornithine turn unit' 
_struct.pdbx_model_details           ? 
_struct.pdbx_formula_weight          ? 
_struct.pdbx_formula_weight_method   ? 
_struct.pdbx_model_type_details      ? 
_struct.pdbx_CASP_flag               N 
# 
_struct_keywords.entry_id        7LIB 
_struct_keywords.text            'turn unit, beta-2-microglobulin, DE NOVO PROTEIN' 
_struct_keywords.pdbx_keywords   'DE NOVO PROTEIN' 
# 
loop_
_struct_asym.id 
_struct_asym.pdbx_blank_PDB_chainid_flag 
_struct_asym.pdbx_modified 
_struct_asym.entity_id 
_struct_asym.details 
A N N 1 ? 
B N N 2 ? 
# 
loop_
_struct_conn.id 
_struct_conn.conn_type_id 
_struct_conn.pdbx_leaving_atom_flag 
_struct_conn.pdbx_PDB_id 
_struct_conn.ptnr1_label_asym_id 
_struct_conn.ptnr1_label_comp_id 
_struct_conn.ptnr1_label_seq_id 
_struct_conn.ptnr1_label_atom_id 
_struct_conn.pdbx_ptnr1_label_alt_id 
_struct_conn.pdbx_ptnr1_PDB_ins_code 
_struct_conn.pdbx_ptnr1_standard_comp_id 
_struct_conn.ptnr1_symmetry 
_struct_conn.ptnr2_label_asym_id 
_struct_conn.ptnr2_label_comp_id 
_struct_conn.ptnr2_label_seq_id 
_struct_conn.ptnr2_label_atom_id 
_struct_conn.pdbx_ptnr2_label_alt_id 
_struct_conn.pdbx_ptnr2_PDB_ins_code 
_struct_conn.ptnr1_auth_asym_id 
_struct_conn.ptnr1_auth_comp_id 
_struct_conn.ptnr1_auth_seq_id 
_struct_conn.ptnr2_auth_asym_id 
_struct_conn.ptnr2_auth_comp_id 
_struct_conn.ptnr2_auth_seq_id 
_struct_conn.ptnr2_symmetry 
_struct_conn.pdbx_ptnr3_label_atom_id 
_struct_conn.pdbx_ptnr3_label_seq_id 
_struct_conn.pdbx_ptnr3_label_comp_id 
_struct_conn.pdbx_ptnr3_label_asym_id 
_struct_conn.pdbx_ptnr3_label_alt_id 
_struct_conn.pdbx_ptnr3_PDB_ins_code 
_struct_conn.details 
_struct_conn.pdbx_dist_value 
_struct_conn.pdbx_value_order 
_struct_conn.pdbx_role 
covale1 covale both ? A ORN 1  C  ? ? ? 1_555 A TYR 2  N ? ? A ORN 1  A TYR 2  1_555 ? ? ? ? ? ? ? 1.370 ? ? 
covale2 covale both ? A ORN 1  NE ? ? ? 1_555 A LYS 16 C ? ? A ORN 1  A LYS 16 1_555 ? ? ? ? ? ? ? 1.433 ? ? 
covale3 covale both ? A LEU 4  C  ? ? ? 1_555 A PHI 5  N ? ? A LEU 4  A PHI 5  1_555 ? ? ? ? ? ? ? 1.318 ? ? 
covale4 covale both ? A PHI 5  C  ? ? ? 1_555 A TYR 6  N ? ? A PHI 5  A TYR 6  1_555 ? ? ? ? ? ? ? 1.330 ? ? 
covale5 covale both ? A GLU 8  C  ? ? ? 1_555 A Y1V 9  N ? ? A GLU 8  A Y1V 9  1_555 ? ? ? ? ? ? ? 1.360 ? ? 
covale6 covale both ? A Y1V 9  C  ? ? ? 1_555 A LYS 10 N ? ? A Y1V 9  A LYS 10 1_555 ? ? ? ? ? ? ? 1.346 ? ? 
covale7 covale both ? A THR 12 C  ? ? ? 1_555 A MVA 13 N ? ? A THR 12 A MVA 13 1_555 ? ? ? ? ? ? ? 1.330 ? ? 
covale8 covale both ? A MVA 13 C  ? ? ? 1_555 A THR 14 N ? ? A MVA 13 A THR 14 1_555 ? ? ? ? ? ? ? 1.311 ? ? 
# 
_struct_conn_type.id          covale 
_struct_conn_type.criteria    ? 
_struct_conn_type.reference   ? 
# 
_struct_sheet.id               AA1 
_struct_sheet.type             ? 
_struct_sheet.number_strands   2 
_struct_sheet.details          ? 
# 
_struct_sheet_order.sheet_id     AA1 
_struct_sheet_order.range_id_1   1 
_struct_sheet_order.range_id_2   2 
_struct_sheet_order.offset       ? 
_struct_sheet_order.sense        anti-parallel 
# 
loop_
_struct_sheet_range.sheet_id 
_struct_sheet_range.id 
_struct_sheet_range.beg_label_comp_id 
_struct_sheet_range.beg_label_asym_id 
_struct_sheet_range.beg_label_seq_id 
_struct_sheet_range.pdbx_beg_PDB_ins_code 
_struct_sheet_range.end_label_comp_id 
_struct_sheet_range.end_label_asym_id 
_struct_sheet_range.end_label_seq_id 
_struct_sheet_range.pdbx_end_PDB_ins_code 
_struct_sheet_range.beg_auth_comp_id 
_struct_sheet_range.beg_auth_asym_id 
_struct_sheet_range.beg_auth_seq_id 
_struct_sheet_range.end_auth_comp_id 
_struct_sheet_range.end_auth_asym_id 
_struct_sheet_range.end_auth_seq_id 
AA1 1 TYR A 2  ? THR A 7  ? TYR A 2  THR A 7  
AA1 2 VAL A 11 ? LYS A 16 ? VAL A 11 LYS A 16 
# 
_pdbx_struct_sheet_hbond.sheet_id                AA1 
_pdbx_struct_sheet_hbond.range_id_1              1 
_pdbx_struct_sheet_hbond.range_id_2              2 
_pdbx_struct_sheet_hbond.range_1_label_atom_id   N 
_pdbx_struct_sheet_hbond.range_1_label_comp_id   TYR 
_pdbx_struct_sheet_hbond.range_1_label_asym_id   A 
_pdbx_struct_sheet_hbond.range_1_label_seq_id    2 
_pdbx_struct_sheet_hbond.range_1_PDB_ins_code    ? 
_pdbx_struct_sheet_hbond.range_1_auth_atom_id    N 
_pdbx_struct_sheet_hbond.range_1_auth_comp_id    TYR 
_pdbx_struct_sheet_hbond.range_1_auth_asym_id    A 
_pdbx_struct_sheet_hbond.range_1_auth_seq_id     2 
_pdbx_struct_sheet_hbond.range_2_label_atom_id   O 
_pdbx_struct_sheet_hbond.range_2_label_comp_id   LYS 
_pdbx_struct_sheet_hbond.range_2_label_asym_id   A 
_pdbx_struct_sheet_hbond.range_2_label_seq_id    16 
_pdbx_struct_sheet_hbond.range_2_PDB_ins_code    ? 
_pdbx_struct_sheet_hbond.range_2_auth_atom_id    O 
_pdbx_struct_sheet_hbond.range_2_auth_comp_id    LYS 
_pdbx_struct_sheet_hbond.range_2_auth_asym_id    A 
_pdbx_struct_sheet_hbond.range_2_auth_seq_id     16 
# 
_atom_sites.entry_id                    7LIB 
_atom_sites.Cartn_transf_matrix[1][1]   ? 
_atom_sites.Cartn_transf_matrix[1][2]   ? 
_atom_sites.Cartn_transf_matrix[1][3]   ? 
_atom_sites.Cartn_transf_matrix[2][1]   ? 
_atom_sites.Cartn_transf_matrix[2][2]   ? 
_atom_sites.Cartn_transf_matrix[2][3]   ? 
_atom_sites.Cartn_transf_matrix[3][1]   ? 
_atom_sites.Cartn_transf_matrix[3][2]   ? 
_atom_sites.Cartn_transf_matrix[3][3]   ? 
_atom_sites.Cartn_transf_vector[1]      ? 
_atom_sites.Cartn_transf_vector[2]      ? 
_atom_sites.Cartn_transf_vector[3]      ? 
_atom_sites.fract_transf_matrix[1][1]   -0.01155348 
_atom_sites.fract_transf_matrix[1][2]   0.00170078 
_atom_sites.fract_transf_matrix[1][3]   -0.02314472 
_atom_sites.fract_transf_matrix[2][1]   -0.01683531 
_atom_sites.fract_transf_matrix[2][2]   -0.01840945 
_atom_sites.fract_transf_matrix[2][3]   0.00705111 
_atom_sites.fract_transf_matrix[3][1]   -0.01764236 
_atom_sites.fract_transf_matrix[3][2]   0.02007190 
_atom_sites.fract_transf_matrix[3][3]   0.01028177 
_atom_sites.fract_transf_vector[1]      0.295118 
_atom_sites.fract_transf_vector[2]      0.371044 
_atom_sites.fract_transf_vector[3]      0.134152 
_atom_sites.solution_primary            ? 
_atom_sites.solution_secondary          ? 
_atom_sites.solution_hydrogens          ? 
_atom_sites.special_details             ? 
# 
loop_
_atom_type.symbol 
_atom_type.scat_dispersion_real 
_atom_type.scat_dispersion_imag 
_atom_type.scat_Cromer_Mann_a1 
_atom_type.scat_Cromer_Mann_a2 
_atom_type.scat_Cromer_Mann_a3 
_atom_type.scat_Cromer_Mann_a4 
_atom_type.scat_Cromer_Mann_b1 
_atom_type.scat_Cromer_Mann_b2 
_atom_type.scat_Cromer_Mann_b3 
_atom_type.scat_Cromer_Mann_b4 
_atom_type.scat_Cromer_Mann_c 
_atom_type.scat_source 
_atom_type.scat_dispersion_source 
C ? ? 3.54356  2.42580  ?       ? 25.62398 1.50364  ?       ? 0.0 
;2-Gaussian fit: Grosse-Kunstleve RW, Sauter NK, Adams PD: Newsletter of the IUCr Commission on Crystallographic Computing 2004, 3, 22-31.
;
? 
H ? ? 0.53795  0.34799  0.11320 ? 10.08003 29.74760 2.57510 ? 0.0 
;3-Gaussian fit: Grosse-Kunstleve RW, Sauter NK, Adams PD: Newsletter of the IUCr Commission on Crystallographic Computing 2004, 3, 22-31.
;
? 
I ? ? 40.26819 12.56501 ?       ? 1.42647  27.02115 ?       ? 0.0 
;2-Gaussian fit: Grosse-Kunstleve RW, Sauter NK, Adams PD: Newsletter of the IUCr Commission on Crystallographic Computing 2004, 3, 22-31.
;
? 
N ? ? 4.01032  2.96436  ?       ? 19.97189 1.75589  ?       ? 0.0 
;2-Gaussian fit: Grosse-Kunstleve RW, Sauter NK, Adams PD: Newsletter of the IUCr Commission on Crystallographic Computing 2004, 3, 22-31.
;
? 
O ? ? 4.49882  3.47563  ?       ? 15.80542 1.70748  ?       ? 0.0 
;2-Gaussian fit: Grosse-Kunstleve RW, Sauter NK, Adams PD: Newsletter of the IUCr Commission on Crystallographic Computing 2004, 3, 22-31.
;
? 
# 
loop_
_atom_site.group_PDB 
_atom_site.id 
_atom_site.type_symbol 
_atom_site.label_atom_id 
_atom_site.label_alt_id 
_atom_site.label_comp_id 
_atom_site.label_asym_id 
_atom_site.label_entity_id 
_atom_site.label_seq_id 
_atom_site.pdbx_PDB_ins_code 
_atom_site.Cartn_x 
_atom_site.Cartn_y 
_atom_site.Cartn_z 
_atom_site.occupancy 
_atom_site.B_iso_or_equiv 
_atom_site.pdbx_formal_charge 
_atom_site.auth_seq_id 
_atom_site.auth_comp_id 
_atom_site.auth_asym_id 
_atom_site.auth_atom_id 
_atom_site.pdbx_PDB_model_num 
HETATM 1   N N    . ORN A 1 1  ? -8.55413  9.18275   -5.86017 1.000 11.16295 ? 1   ORN A N    1 
HETATM 2   C CA   . ORN A 1 1  ? -7.69594  8.66606   -4.77141 1.000 9.80061  ? 1   ORN A CA   1 
HETATM 3   C CB   . ORN A 1 1  ? -8.49892  7.86801   -3.70577 1.000 10.57834 ? 1   ORN A CB   1 
HETATM 4   C CG   . ORN A 1 1  ? -9.38701  8.78851   -2.79731 1.000 15.42383 ? 1   ORN A CG   1 
HETATM 5   C CD   . ORN A 1 1  ? -8.54802  9.70927   -1.90109 1.000 12.82889 ? 1   ORN A CD   1 
HETATM 6   N NE   . ORN A 1 1  ? -7.82859  8.97328   -0.87194 1.000 12.63073 ? 1   ORN A NE   1 
HETATM 7   C C    . ORN A 1 1  ? -6.66220  7.74581   -5.35476 1.000 9.12391  ? 1   ORN A C    1 
HETATM 8   O O    . ORN A 1 1  ? -6.84925  7.18192   -6.42465 1.000 10.06171 ? 1   ORN A O    1 
HETATM 9   H H1   . ORN A 1 1  ? -9.18031  8.48208   -6.26453 1.000 13.40406 ? 1   ORN A H1   1 
HETATM 10  H H2   . ORN A 1 1  ? -9.17193  9.94699   -5.57594 1.000 13.40406 ? 1   ORN A H2   1 
HETATM 11  H H3   . ORN A 1 1  ? -8.03424  9.55510   -6.65867 1.000 13.40406 ? 1   ORN A H3   1 
HETATM 12  H HA   . ORN A 1 1  ? -7.22916  9.55373   -4.33438 1.000 11.76926 ? 1   ORN A HA   1 
HETATM 13  H HB2  . ORN A 1 1  ? -7.79239  7.33263   -3.05618 1.000 12.70253 ? 1   ORN A HB2  1 
HETATM 14  H HB3  . ORN A 1 1  ? -9.16271  7.15839   -4.21922 1.000 12.70253 ? 1   ORN A HB3  1 
HETATM 15  H HG2  . ORN A 1 1  ? -10.02659 8.16023   -2.16690 1.000 18.51712 ? 1   ORN A HG2  1 
HETATM 16  H HG3  . ORN A 1 1  ? -10.03576 9.40140   -3.43347 1.000 18.51712 ? 1   ORN A HG3  1 
HETATM 17  H HD2  . ORN A 1 1  ? -7.82140  10.23738  -2.52555 1.000 15.40319 ? 1   ORN A HD2  1 
HETATM 18  H HD3  . ORN A 1 1  ? -9.21557  10.42706  -1.41530 1.000 15.40319 ? 1   ORN A HD3  1 
HETATM 19  H HE1  . ORN A 1 1  ? -8.35479  8.66115   -0.08124 1.000 15.16540 ? 1   ORN A HE1  1 
ATOM   20  N N    . TYR A 1 2  ? -5.50992  7.58408   -4.63175 1.000 9.12706  ? 2   TYR A N    1 
ATOM   21  C CA   . TYR A 1 2  ? -4.46372  6.66342   -5.04703 1.000 9.33966  ? 2   TYR A CA   1 
ATOM   22  C C    . TYR A 1 2  ? -4.50171  5.42863   -4.15887 1.000 8.02455  ? 2   TYR A C    1 
ATOM   23  O O    . TYR A 1 2  ? -4.82807  5.50317   -2.94813 1.000 9.81660  ? 2   TYR A O    1 
ATOM   24  C CB   . TYR A 1 2  ? -3.07968  7.28276   -4.82616 1.000 9.12531  ? 2   TYR A CB   1 
ATOM   25  C CG   . TYR A 1 2  ? -2.71907  8.30644   -5.87347 1.000 9.40683  ? 2   TYR A CG   1 
ATOM   26  C CD1  . TYR A 1 2  ? -3.36128  9.53957   -5.92190 1.000 11.83366 ? 2   TYR A CD1  1 
ATOM   27  C CD2  . TYR A 1 2  ? -1.72918  8.06478   -6.79203 1.000 12.48598 ? 2   TYR A CD2  1 
ATOM   28  C CE1  . TYR A 1 2  ? -3.06280  10.47933  -6.88814 1.000 13.24132 ? 2   TYR A CE1  1 
ATOM   29  C CE2  . TYR A 1 2  ? -1.42074  9.02328   -7.76466 1.000 16.37363 ? 2   TYR A CE2  1 
ATOM   30  C CZ   . TYR A 1 2  ? -2.10254  10.21292  -7.79302 1.000 12.20029 ? 2   TYR A CZ   1 
ATOM   31  O OH   . TYR A 1 2  ? -1.80478  11.17482  -8.73752 1.000 16.15028 ? 2   TYR A OH   1 
ATOM   32  H H    . TYR A 1 2  ? -5.33327  8.00535   -3.90311 1.000 10.96100 ? 2   TYR A H    1 
ATOM   33  H HA   . TYR A 1 2  ? -4.59444  6.44858   -5.98386 1.000 11.21612 ? 2   TYR A HA   1 
ATOM   34  H HB2  . TYR A 1 2  ? -3.06542  7.72150   -3.96118 1.000 10.95890 ? 2   TYR A HB2  1 
ATOM   35  H HB3  . TYR A 1 2  ? -2.41214  6.57948   -4.85248 1.000 10.95890 ? 2   TYR A HB3  1 
ATOM   36  H HD1  . TYR A 1 2  ? -4.01007  9.73640   -5.28533 1.000 14.20892 ? 2   TYR A HD1  1 
ATOM   37  H HD2  . TYR A 1 2  ? -1.26136  7.26136   -6.76851 1.000 14.99170 ? 2   TYR A HD2  1 
ATOM   38  H HE1  . TYR A 1 2  ? -3.52063  11.28842  -6.91361 1.000 15.89811 ? 2   TYR A HE1  1 
ATOM   39  H HE2  . TYR A 1 2  ? -0.75435  8.85351   -8.39077 1.000 19.65688 ? 2   TYR A HE2  1 
ATOM   40  H HH   . TYR A 1 2  ? -2.32639  11.82824  -8.65646 1.000 19.38886 ? 2   TYR A HH   1 
ATOM   41  N N    . LEU A 1 3  ? -4.21010  4.26907   -4.73788 1.000 7.52975  ? 3   LEU A N    1 
ATOM   42  C CA   A LEU A 1 3  ? -3.82797  3.11329   -3.94615 0.602 8.79111  ? 3   LEU A CA   1 
ATOM   43  C CA   B LEU A 1 3  ? -3.83155  3.11225   -3.94734 0.398 8.81273  ? 3   LEU A CA   1 
ATOM   44  C C    . LEU A 1 3  ? -2.33636  3.15825   -3.71667 1.000 7.19757  ? 3   LEU A C    1 
ATOM   45  O O    . LEU A 1 3  ? -1.55423  3.36547   -4.66091 1.000 9.74237  ? 3   LEU A O    1 
ATOM   46  C CB   A LEU A 1 3  ? -4.12502  1.80801   -4.66429 0.602 9.59475  ? 3   LEU A CB   1 
ATOM   47  C CB   B LEU A 1 3  ? -4.15921  1.81170   -4.66315 0.398 9.61388  ? 3   LEU A CB   1 
ATOM   48  C CG   A LEU A 1 3  ? -5.57824  1.43538   -4.90668 0.602 15.21449 ? 3   LEU A CG   1 
ATOM   49  C CG   B LEU A 1 3  ? -5.54839  1.24250   -4.44934 0.398 12.16433 ? 3   LEU A CG   1 
ATOM   50  C CD1  A LEU A 1 3  ? -5.71261  -0.03539  -5.28565 0.602 15.37951 ? 3   LEU A CD1  1 
ATOM   51  C CD1  B LEU A 1 3  ? -6.56780  2.14789   -5.09181 0.398 12.17257 ? 3   LEU A CD1  1 
ATOM   52  C CD2  A LEU A 1 3  ? -6.37133  1.74347   -3.67605 0.602 15.71158 ? 3   LEU A CD2  1 
ATOM   53  C CD2  B LEU A 1 3  ? -5.63216  -0.16416  -5.04557 0.398 14.41287 ? 3   LEU A CD2  1 
ATOM   54  H H    . LEU A 1 3  ? -4.22749  4.13108   -5.58655 1.000 9.04422  ? 3   LEU A H    1 
ATOM   55  H HA   . LEU A 1 3  ? -4.32385  3.13967   -3.11291 1.000 10.58380 ? 3   LEU A HA   1 
ATOM   56  H HB2  A LEU A 1 3  ? -3.70002  1.84882   -5.53527 0.602 11.52222 ? 3   LEU A HB2  1 
ATOM   57  H HB2  B LEU A 1 3  ? -4.05786  1.96128   -5.61617 0.398 11.54518 ? 3   LEU A HB2  1 
ATOM   58  H HB3  A LEU A 1 3  ? -3.73813  1.08967   -4.13969 0.602 11.52222 ? 3   LEU A HB3  1 
ATOM   59  H HB3  B LEU A 1 3  ? -3.52805  1.13861   -4.36401 0.398 11.54518 ? 3   LEU A HB3  1 
ATOM   60  H HG   A LEU A 1 3  ? -5.92949  1.95143   -5.64912 0.602 18.26591 ? 3   LEU A HG   1 
ATOM   61  H HG   B LEU A 1 3  ? -5.74078  1.18254   -3.50051 0.398 14.60572 ? 3   LEU A HG   1 
ATOM   62  H HD11 A LEU A 1 3  ? -6.64501  -0.23046  -5.46862 0.602 18.46394 ? 3   LEU A HD11 1 
ATOM   63  H HD11 B LEU A 1 3  ? -7.45107  1.76624   -4.96900 0.398 14.61561 ? 3   LEU A HD11 1 
ATOM   64  H HD12 A LEU A 1 3  ? -5.17729  -0.20807  -6.07592 0.602 18.46394 ? 3   LEU A HD12 1 
ATOM   65  H HD12 B LEU A 1 3  ? -6.52355  3.02126   -4.67208 0.398 14.61561 ? 3   LEU A HD12 1 
ATOM   66  H HD13 A LEU A 1 3  ? -5.39902  -0.58154  -4.54789 0.602 18.46394 ? 3   LEU A HD13 1 
ATOM   67  H HD13 B LEU A 1 3  ? -6.36956  2.22526   -6.03817 0.398 14.61561 ? 3   LEU A HD13 1 
ATOM   68  H HD21 A LEU A 1 3  ? -7.22461  1.28501   -3.72725 0.602 18.86242 ? 3   LEU A HD21 1 
ATOM   69  H HD21 B LEU A 1 3  ? -6.56518  -0.40458  -5.15771 0.398 17.30396 ? 3   LEU A HD21 1 
ATOM   70  H HD22 A LEU A 1 3  ? -5.87833  1.43891   -2.89817 0.602 18.86242 ? 3   LEU A HD22 1 
ATOM   71  H HD22 B LEU A 1 3  ? -5.18342  -0.16991  -5.90551 0.398 17.30396 ? 3   LEU A HD22 1 
ATOM   72  H HD23 A LEU A 1 3  ? -6.51324  2.70160   -3.62346 0.602 18.86242 ? 3   LEU A HD23 1 
ATOM   73  H HD23 B LEU A 1 3  ? -5.19974  -0.78898  -4.44264 0.398 17.30396 ? 3   LEU A HD23 1 
ATOM   74  N N    . LEU A 1 4  ? -1.94030  3.00311   -2.46665 1.000 7.20441  ? 4   LEU A N    1 
ATOM   75  C CA   A LEU A 1 4  ? -0.55664  3.09876   -2.01169 0.618 7.31690  ? 4   LEU A CA   1 
ATOM   76  C CA   B LEU A 1 4  ? -0.57678  3.09536   -2.02949 0.382 7.41285  ? 4   LEU A CA   1 
ATOM   77  C C    . LEU A 1 4  ? -0.13759  1.78482   -1.40836 1.000 6.89138  ? 4   LEU A C    1 
ATOM   78  O O    . LEU A 1 4  ? -0.86448  1.18832   -0.59964 1.000 9.24026  ? 4   LEU A O    1 
ATOM   79  C CB   A LEU A 1 4  ? -0.41439  4.21561   -0.97393 0.618 9.73807  ? 4   LEU A CB   1 
ATOM   80  C CB   B LEU A 1 4  ? -0.52850  4.18810   -0.99556 0.382 10.27997 ? 4   LEU A CB   1 
ATOM   81  C CG   A LEU A 1 4  ? -0.80831  5.56702   -1.59205 0.618 11.28164 ? 4   LEU A CG   1 
ATOM   82  C CG   B LEU A 1 4  ? 0.87067   4.59678   -0.62759 0.382 17.96453 ? 4   LEU A CG   1 
ATOM   83  C CD1  A LEU A 1 4  ? -0.83043  6.64338   -0.51264 0.618 19.85894 ? 4   LEU A CD1  1 
ATOM   84  C CD1  B LEU A 1 4  ? 1.40260   5.66775   -1.58122 0.382 17.81935 ? 4   LEU A CD1  1 
ATOM   85  C CD2  A LEU A 1 4  ? 0.16014   5.93298   -2.70619 0.618 14.73007 ? 4   LEU A CD2  1 
ATOM   86  C CD2  B LEU A 1 4  ? 0.79599   5.06689   0.77315  0.382 18.61378 ? 4   LEU A CD2  1 
ATOM   87  H H    . LEU A 1 4  ? -2.48161  2.83141   -1.82080 1.000 8.65382  ? 4   LEU A H    1 
ATOM   88  H HA   . LEU A 1 4  ? 0.02629   3.30994   -2.75768 1.000 8.90395  ? 4   LEU A HA   1 
ATOM   89  H HB2  A LEU A 1 4  ? -0.99808  4.03537   -0.22046 0.618 11.69421 ? 4   LEU A HB2  1 
ATOM   90  H HB2  B LEU A 1 4  ? -0.98600  4.96920   -1.34408 0.382 12.34449 ? 4   LEU A HB2  1 
ATOM   91  H HB3  A LEU A 1 4  ? 0.50706   4.26614   -0.67513 0.618 11.69421 ? 4   LEU A HB3  1 
ATOM   92  H HB3  B LEU A 1 4  ? -0.97036  3.87667   -0.19016 0.382 12.34449 ? 4   LEU A HB3  1 
ATOM   93  H HG   A LEU A 1 4  ? -1.69674  5.50784   -1.97686 0.618 13.54649 ? 4   LEU A HG   1 
ATOM   94  H HG   B LEU A 1 4  ? 1.50328   3.86527   -0.70244 0.382 21.56596 ? 4   LEU A HG   1 
ATOM   95  H HD11 A LEU A 1 4  ? -1.00719  7.50247   -0.92691 0.618 23.83926 ? 4   LEU A HD11 1 
ATOM   96  H HD11 B LEU A 1 4  ? 2.20953   6.05289   -1.20511 0.382 21.39174 ? 4   LEU A HD11 1 
ATOM   97  H HD12 A LEU A 1 4  ? -1.52899  6.43469   0.12717  0.618 23.83926 ? 4   LEU A HD12 1 
ATOM   98  H HD12 B LEU A 1 4  ? 1.59992   5.25790   -2.43795 0.382 21.39174 ? 4   LEU A HD12 1 
ATOM   99  H HD13 A LEU A 1 4  ? 0.03114   6.66186   -0.06739 0.618 23.83926 ? 4   LEU A HD13 1 
ATOM   100 H HD13 B LEU A 1 4  ? 0.72786   6.35587   -1.69130 0.382 21.39174 ? 4   LEU A HD13 1 
ATOM   101 H HD21 A LEU A 1 4  ? 0.09821   6.88560   -2.87820 0.618 17.68461 ? 4   LEU A HD21 1 
ATOM   102 H HD21 B LEU A 1 4  ? 1.67361   4.99039   1.17915  0.382 22.34506 ? 4   LEU A HD21 1 
ATOM   103 H HD22 A LEU A 1 4  ? 1.06124   5.70481   -2.42898 0.618 17.68461 ? 4   LEU A HD22 1 
ATOM   104 H HD22 B LEU A 1 4  ? 0.50772   5.99303   0.78049  0.382 22.34506 ? 4   LEU A HD22 1 
ATOM   105 H HD23 A LEU A 1 4  ? -0.07577  5.43652   -3.50542 0.618 17.68461 ? 4   LEU A HD23 1 
ATOM   106 H HD23 B LEU A 1 4  ? 0.15882   4.51829   1.25683  0.382 22.34506 ? 4   LEU A HD23 1 
HETATM 107 N N    . PHI A 1 5  ? 0.99656   1.29586   -1.86927 1.000 6.89337  ? 5   PHI A N    1 
HETATM 108 C CA   . PHI A 1 5  ? 1.56741   0.03578   -1.44570 1.000 7.05298  ? 5   PHI A CA   1 
HETATM 109 C CB   . PHI A 1 5  ? 1.92067   -0.80611  -2.70015 1.000 9.56611  ? 5   PHI A CB   1 
HETATM 110 C CG   . PHI A 1 5  ? 0.75568   -1.19084  -3.55000 1.000 8.39025  ? 5   PHI A CG   1 
HETATM 111 C CD1  . PHI A 1 5  ? 0.18205   -0.36813  -4.49843 1.000 10.21546 ? 5   PHI A CD1  1 
HETATM 112 C CD2  . PHI A 1 5  ? 0.21191   -2.46452  -3.45458 1.000 10.18530 ? 5   PHI A CD2  1 
HETATM 113 C CE1  . PHI A 1 5  ? -0.91389  -0.79459  -5.28270 1.000 10.58797 ? 5   PHI A CE1  1 
HETATM 114 C CE2  . PHI A 1 5  ? -0.87336  -2.88295  -4.23662 1.000 8.81169  ? 5   PHI A CE2  1 
HETATM 115 C CZ   . PHI A 1 5  ? -1.45010  -2.06448  -5.19616 1.000 12.80567 ? 5   PHI A CZ   1 
HETATM 116 I I    . PHI A 1 5  ? -2.98875  -2.69376  -6.37794 1.000 13.66392 ? 5   PHI A I    1 
HETATM 117 C C    . PHI A 1 5  ? 2.81867   0.28108   -0.62337 1.000 8.03685  ? 5   PHI A C    1 
HETATM 118 O O    . PHI A 1 5  ? 3.82982   0.82751   -1.08728 1.000 10.71139 ? 5   PHI A O    1 
HETATM 119 H H    . PHI A 1 5  ? 1.36863   1.52229   -2.77165 1.000 8.28057  ? 5   PHI A H    1 
HETATM 120 H HA   . PHI A 1 5  ? 0.89259   -0.54602  -0.74584 1.000 8.47210  ? 5   PHI A HA   1 
HETATM 121 H HB2  . PHI A 1 5  ? 2.44483   -1.73859  -2.35830 1.000 11.48786 ? 5   PHI A HB2  1 
HETATM 122 H HB3  . PHI A 1 5  ? 2.64598   -0.21687  -3.32293 1.000 11.48786 ? 5   PHI A HB3  1 
HETATM 123 H HD1  . PHI A 1 5  ? 0.58617   0.64484   -4.64936 1.000 12.26708 ? 5   PHI A HD1  1 
HETATM 124 H HD2  . PHI A 1 5  ? 0.65022   -3.17449  -2.73623 1.000 12.23088 ? 5   PHI A HD2  1 
HETATM 125 H HE1  . PHI A 1 5  ? -1.35236  -0.07368  -5.99153 1.000 12.71408 ? 5   PHI A HE1  1 
HETATM 126 H HE2  . PHI A 1 5  ? -1.27352  -3.89703  -4.07565 1.000 10.58256 ? 5   PHI A HE2  1 
ATOM   127 N N    . TYR A 1 6  ? 2.77059   -0.11032  0.64696  1.000 7.08669  ? 6   TYR A N    1 
ATOM   128 C CA   . TYR A 1 6  ? 3.88203   0.10234   1.57295  1.000 7.74857  ? 6   TYR A CA   1 
ATOM   129 C C    . TYR A 1 6  ? 4.47233   -1.22773  1.93162  1.000 7.02143  ? 6   TYR A C    1 
ATOM   130 O O    . TYR A 1 6  ? 3.84541   -2.03355  2.60098  1.000 8.73212  ? 6   TYR A O    1 
ATOM   131 C CB   . TYR A 1 6  ? 3.36537   0.79117   2.83115  1.000 9.73591  ? 6   TYR A CB   1 
ATOM   132 C CG   . TYR A 1 6  ? 4.41665   1.07345   3.88393  1.000 10.73906 ? 6   TYR A CG   1 
ATOM   133 C CD1  . TYR A 1 6  ? 5.43488   1.99896   3.67023  1.000 11.63357 ? 6   TYR A CD1  1 
ATOM   134 C CD2  . TYR A 1 6  ? 4.36166   0.44792   5.09905  1.000 14.52848 ? 6   TYR A CD2  1 
ATOM   135 C CE1  . TYR A 1 6  ? 6.39612   2.26493   4.63171  1.000 12.06635 ? 6   TYR A CE1  1 
ATOM   136 C CE2  . TYR A 1 6  ? 5.32139   0.69733   6.07706  1.000 12.60094 ? 6   TYR A CE2  1 
ATOM   137 C CZ   . TYR A 1 6  ? 6.33327   1.60113   5.82738  1.000 9.52893  ? 6   TYR A CZ   1 
ATOM   138 O OH   . TYR A 1 6  ? 7.24738   1.84531   6.81721  1.000 13.06538 ? 6   TYR A OH   1 
ATOM   139 H H    . TYR A 1 6  ? 2.09608   -0.50726  1.00344  1.000 8.51256  ? 6   TYR A H    1 
ATOM   140 H HA   . TYR A 1 6  ? 4.56605   0.66312   1.17478  1.000 9.30681  ? 6   TYR A HA   1 
ATOM   141 H HB2  . TYR A 1 6  ? 2.97309   1.64107   2.57679  1.000 11.69161 ? 6   TYR A HB2  1 
ATOM   142 H HB3  . TYR A 1 6  ? 2.69206   0.22337   3.23754  1.000 11.69161 ? 6   TYR A HB3  1 
ATOM   143 H HD1  . TYR A 1 6  ? 5.47067   2.45160   2.85860  1.000 13.96881 ? 6   TYR A HD1  1 
ATOM   144 H HD2  . TYR A 1 6  ? 3.67355   -0.15253  5.27472  1.000 17.44271 ? 6   TYR A HD2  1 
ATOM   145 H HE1  . TYR A 1 6  ? 7.07154   2.88290   4.46797  1.000 14.48815 ? 6   TYR A HE1  1 
ATOM   146 H HE2  . TYR A 1 6  ? 5.28027   0.25648   6.89489  1.000 15.12965 ? 6   TYR A HE2  1 
ATOM   147 H HH   . TYR A 1 6  ? 6.98099   2.47486   7.30536  1.000 15.68698 ? 6   TYR A HH   1 
ATOM   148 N N    . THR A 1 7  ? 5.69186   -1.46178  1.50438  1.000 7.79338  ? 7   THR A N    1 
ATOM   149 C CA   . THR A 1 7  ? 6.28613   -2.77157  1.64694  1.000 8.38711  ? 7   THR A CA   1 
ATOM   150 C C    . THR A 1 7  ? 7.22334   -2.83531  2.84263  1.000 9.05839  ? 7   THR A C    1 
ATOM   151 O O    . THR A 1 7  ? 8.02750   -1.93767  3.08991  1.000 12.17287 ? 7   THR A O    1 
ATOM   152 C CB   . THR A 1 7  ? 7.01853   -3.14591  0.35880  1.000 11.94436 ? 7   THR A CB   1 
ATOM   153 O OG1  . THR A 1 7  ? 6.04969   -3.30548  -0.68918 1.000 11.31799 ? 7   THR A OG1  1 
ATOM   154 C CG2  . THR A 1 7  ? 7.88154   -4.38327  0.51084  1.000 12.96500 ? 7   THR A CG2  1 
ATOM   155 H H    . THR A 1 7  ? 6.19754   -0.87724  1.12728  1.000 9.36059  ? 7   THR A H    1 
ATOM   156 H HA   . THR A 1 7  ? 5.59100   -3.42650  1.81658  1.000 10.07306 ? 7   THR A HA   1 
ATOM   157 H HB   . THR A 1 7  ? 7.63787   -2.43763  0.12293  1.000 14.34176 ? 7   THR A HB   1 
ATOM   158 H HG1  . THR A 1 7  ? 5.70137   -2.56374  -0.87380 1.000 13.59012 ? 7   THR A HG1  1 
ATOM   159 H HG21 . THR A 1 7  ? 8.14678   -4.71210  -0.36232 1.000 15.56652 ? 7   THR A HG21 1 
ATOM   160 H HG22 . THR A 1 7  ? 8.67783   -4.17153  1.02269  1.000 15.56652 ? 7   THR A HG22 1 
ATOM   161 H HG23 . THR A 1 7  ? 7.38651   -5.07841  0.97196  1.000 15.56652 ? 7   THR A HG23 1 
ATOM   162 N N    . GLU A 1 8  ? 7.14924   -3.96586  3.53472  1.000 7.91155  ? 8   GLU A N    1 
ATOM   163 C CA   . GLU A 1 8  ? 8.03085   -4.30986  4.66249  1.000 10.00468 ? 8   GLU A CA   1 
ATOM   164 C C    . GLU A 1 8  ? 8.42580   -5.76627  4.51134  1.000 10.82193 ? 8   GLU A C    1 
ATOM   165 O O    . GLU A 1 8  ? 7.66354   -6.69147  4.74006  1.000 10.12663 ? 8   GLU A O    1 
ATOM   166 C CB   . GLU A 1 8  ? 7.37302   -4.12210  6.01563  1.000 11.99826 ? 8   GLU A CB   1 
ATOM   167 C CG   . GLU A 1 8  ? 6.99859   -2.69071  6.29694  1.000 12.41061 ? 8   GLU A CG   1 
ATOM   168 C CD   . GLU A 1 8  ? 6.03682   -2.60394  7.45620  1.000 15.45956 ? 8   GLU A CD   1 
ATOM   169 O OE1  . GLU A 1 8  ? 4.92896   -3.17183  7.33871  1.000 17.16369 ? 8   GLU A OE1  1 
ATOM   170 O OE2  . GLU A 1 8  ? 6.37132   -2.00680  8.53408  1.000 13.12108 ? 8   GLU A OE2  1 
ATOM   171 H H    . GLU A 1 8  ? 6.57349   -4.58297  3.36951  1.000 9.50238  ? 8   GLU A H    1 
ATOM   172 H HA   . GLU A 1 8  ? 8.79934   -3.71805  4.65344  1.000 12.01414 ? 8   GLU A HA   1 
ATOM   173 H HB2  . GLU A 1 8  ? 6.56309   -4.65489  6.04806  1.000 14.40644 ? 8   GLU A HB2  1 
ATOM   174 H HB3  . GLU A 1 8  ? 7.98847   -4.41159  6.70724  1.000 14.40644 ? 8   GLU A HB3  1 
ATOM   175 H HG2  . GLU A 1 8  ? 7.79619   -2.18588  6.52027  1.000 14.90126 ? 8   GLU A HG2  1 
ATOM   176 H HG3  . GLU A 1 8  ? 6.57228   -2.30828  5.51405  1.000 14.90126 ? 8   GLU A HG3  1 
HETATM 177 C C    . Y1V A 1 9  ? 6.56988   -9.09745  2.11432  1.000 11.13939 ? 9   Y1V A C    1 
HETATM 178 O O    . Y1V A 1 9  ? 5.92972   -9.70219  1.24483  1.000 11.68657 ? 9   Y1V A O    1 
HETATM 179 C CB   . Y1V A 1 9  ? 8.75341   -7.97257  1.74933  1.000 10.89246 ? 9   Y1V A CB   1 
HETATM 180 C CG   . Y1V A 1 9  ? 10.19540  -7.75732  2.28848  1.000 13.37596 ? 9   Y1V A CG   1 
HETATM 181 C CD   . Y1V A 1 9  ? 10.23168  -7.30392  3.74865  1.000 11.17698 ? 9   Y1V A CD   1 
HETATM 182 N N    . Y1V A 1 9  ? 9.66042   -5.96319  3.97528  1.000 9.30188  ? 9   Y1V A N    1 
HETATM 183 C CM   . Y1V A 1 9  ? 10.93872  -6.72555  1.41281  1.000 15.89104 ? 9   Y1V A CM   1 
HETATM 184 C CA   . Y1V A 1 9  ? 8.13649   -9.21121  2.33674  1.000 13.24215 ? 9   Y1V A CA   1 
HETATM 185 N NA   . Y1V A 1 9  ? 8.55309   -10.44157 1.59202  1.000 17.52881 ? 9   Y1V A NA   1 
HETATM 186 H HB3  . Y1V A 1 9  ? 8.73579   -8.03000  0.78118  1.000 13.07947 ? 9   Y1V A HB3  1 
HETATM 187 H HB2  . Y1V A 1 9  ? 8.18320   -7.20929  1.93139  1.000 13.07947 ? 9   Y1V A HB2  1 
HETATM 188 H HG2  . Y1V A 1 9  ? 10.64684  -8.61560  2.26752  1.000 16.05968 ? 9   Y1V A HG2  1 
HETATM 189 H HD2  . Y1V A 1 9  ? 11.15375  -7.35598  4.04526  1.000 13.42089 ? 9   Y1V A HD2  1 
HETATM 190 H HD3  . Y1V A 1 9  ? 9.77704   -7.98115  4.27359  1.000 13.42089 ? 9   Y1V A HD3  1 
HETATM 191 H H    . Y1V A 1 9  ? 10.21048  -5.31030  3.72375  1.000 11.17078 ? 9   Y1V A H    1 
HETATM 192 H HM11 . Y1V A 1 9  ? 10.42021  -5.91690  1.27814  1.000 19.07777 ? 9   Y1V A HM11 1 
HETATM 193 H HM1  . Y1V A 1 9  ? 11.14385  -7.07268  0.53059  1.000 19.07777 ? 9   Y1V A HM1  1 
HETATM 194 H HM2  . Y1V A 1 9  ? 11.78235  -6.45103  1.80504  1.000 19.07777 ? 9   Y1V A HM2  1 
HETATM 195 H HA   . Y1V A 1 9  ? 8.36144   -9.37100  3.26667  1.000 15.89911 ? 9   Y1V A HA   1 
HETATM 196 H HN1  . Y1V A 1 9  ? 8.49855   -10.28660 0.71731  1.000 21.04310 ? 9   Y1V A HN1  1 
HETATM 197 H HN3  . Y1V A 1 9  ? 8.01324   -11.11388 1.81259  1.000 21.04310 ? 9   Y1V A HN3  1 
HETATM 198 H HN2  . Y1V A 1 9  ? 9.39166   -10.64538 1.80965  1.000 21.04310 ? 9   Y1V A HN2  1 
ATOM   199 N N    . LYS A 1 10 ? 5.99054   -8.27476  3.00761  1.000 11.10966 ? 10  LYS A N    1 
ATOM   200 C CA   A LYS A 1 10 ? 4.56621   -8.02133  2.99808  0.217 10.94639 ? 10  LYS A CA   1 
ATOM   201 C CA   B LYS A 1 10 ? 4.58042   -8.00951  2.99346  0.783 9.81270  ? 10  LYS A CA   1 
ATOM   202 C C    . LYS A 1 10 ? 4.28666   -6.60199  2.52109  1.000 9.15184  ? 10  LYS A C    1 
ATOM   203 O O    . LYS A 1 10 ? 5.19629   -5.74370  2.45853  1.000 9.35756  ? 10  LYS A O    1 
ATOM   204 C CB   A LYS A 1 10 ? 3.97889   -8.27320  4.39117  0.217 15.28124 ? 10  LYS A CB   1 
ATOM   205 C CB   B LYS A 1 10 ? 4.05936   -8.11809  4.42129  0.783 16.59831 ? 10  LYS A CB   1 
ATOM   206 C CG   A LYS A 1 10 ? 4.80205   -7.75855  5.56544  0.217 17.34609 ? 10  LYS A CG   1 
ATOM   207 C CG   B LYS A 1 10 ? 4.72324   -9.14285  5.35726  0.783 19.01482 ? 10  LYS A CG   1 
ATOM   208 C CD   A LYS A 1 10 ? 4.44275   -8.49089  6.85963  0.217 23.19846 ? 10  LYS A CD   1 
ATOM   209 C CD   B LYS A 1 10 ? 4.19042   -8.94265  6.78153  0.783 25.24315 ? 10  LYS A CD   1 
ATOM   210 C CE   A LYS A 1 10 ? 5.12244   -9.85094  6.95192  0.217 24.34320 ? 10  LYS A CE   1 
ATOM   211 C CE   B LYS A 1 10 ? 4.77263   -9.92403  7.79910  0.783 30.62175 ? 10  LYS A CE   1 
ATOM   212 N NZ   A LYS A 1 10 ? 4.95800   -10.47804 8.29936  0.217 26.51481 ? 10  LYS A NZ   1 
ATOM   213 N NZ   B LYS A 1 10 ? 4.15732   -9.75010  9.16440  0.783 29.28981 ? 10  LYS A NZ   1 
ATOM   214 H H    . LYS A 1 10 ? 6.41538   -7.86275  3.63160  1.000 13.34011 ? 10  LYS A H    1 
ATOM   215 H HA   . LYS A 1 10 ? 4.11948   -8.62691  2.38603  1.000 11.78376 ? 10  LYS A HA   1 
ATOM   216 H HB2  A LYS A 1 10 ? 3.11194   -7.84058  4.43741  0.217 18.34601 ? 10  LYS A HB2  1 
ATOM   217 H HB2  B LYS A 1 10 ? 4.16481   -7.24984  4.84072  0.783 19.92650 ? 10  LYS A HB2  1 
ATOM   218 H HB3  A LYS A 1 10 ? 3.87856   -9.23074  4.50927  0.217 18.34601 ? 10  LYS A HB3  1 
ATOM   219 H HB3  B LYS A 1 10 ? 3.11918   -8.35232  4.37529  0.783 19.92650 ? 10  LYS A HB3  1 
ATOM   220 H HG2  A LYS A 1 10 ? 5.74443   -7.90107  5.38513  0.217 20.82383 ? 10  LYS A HG2  1 
ATOM   221 H HG2  B LYS A 1 10 ? 4.51045   -10.04307 5.06532  0.783 22.82631 ? 10  LYS A HG2  1 
ATOM   222 H HG3  A LYS A 1 10 ? 4.62764   -6.81266  5.69098  0.217 20.82383 ? 10  LYS A HG3  1 
ATOM   223 H HG3  B LYS A 1 10 ? 5.68457   -9.01345  5.35983  0.783 22.82631 ? 10  LYS A HG3  1 
ATOM   224 H HD2  A LYS A 1 10 ? 4.72773   -7.95773  7.61820  0.217 27.84667 ? 10  LYS A HD2  1 
ATOM   225 H HD2  B LYS A 1 10 ? 4.41285   -8.04545  7.07556  0.783 30.30031 ? 10  LYS A HD2  1 
ATOM   226 H HD3  A LYS A 1 10 ? 3.48319   -8.62891  6.89289  0.217 27.84667 ? 10  LYS A HD3  1 
ATOM   227 H HD3  B LYS A 1 10 ? 3.22762   -9.06043  6.77482  0.783 30.30031 ? 10  LYS A HD3  1 
ATOM   228 H HE2  A LYS A 1 10 ? 4.73296   -10.44641 6.29265  0.217 29.22037 ? 10  LYS A HE2  1 
ATOM   229 H HE2  B LYS A 1 10 ? 4.60084   -10.83141 7.50238  0.783 36.75462 ? 10  LYS A HE2  1 
ATOM   230 H HE3  A LYS A 1 10 ? 6.07160   -9.74415  6.78285  0.217 29.22037 ? 10  LYS A HE3  1 
ATOM   231 H HE3  B LYS A 1 10 ? 5.72810   -9.77539  7.87588  0.783 36.75462 ? 10  LYS A HE3  1 
ATOM   232 H HZ1  A LYS A 1 10 ? 5.46696   -11.20557 8.36068  0.217 31.82630 ? 10  LYS A HZ1  1 
ATOM   233 H HZ1  B LYS A 1 10 ? 3.34274   -10.10835 9.17904  0.783 35.15630 ? 10  LYS A HZ1  1 
ATOM   234 H HZ2  A LYS A 1 10 ? 5.19880   -9.90273  8.93429  0.217 31.82630 ? 10  LYS A HZ2  1 
ATOM   235 H HZ2  B LYS A 1 10 ? 4.09583   -8.88462  9.36255  0.783 35.15630 ? 10  LYS A HZ2  1 
ATOM   236 H HZ3  A LYS A 1 10 ? 4.10781   -10.70879 8.42601  0.217 31.82630 ? 10  LYS A HZ3  1 
ATOM   237 H HZ3  B LYS A 1 10 ? 4.66068   -10.15196 9.77859  0.783 35.15630 ? 10  LYS A HZ3  1 
ATOM   238 N N    . VAL A 1 11 ? 3.02466   -6.34564  2.20986  1.000 7.38097  ? 11  VAL A N    1 
ATOM   239 C CA   . VAL A 1 11 ? 2.62910   -5.04525  1.70159  1.000 7.92752  ? 11  VAL A CA   1 
ATOM   240 C C    . VAL A 1 11 ? 1.37294   -4.59468  2.40775  1.000 7.02129  ? 11  VAL A C    1 
ATOM   241 O O    . VAL A 1 11 ? 0.45146   -5.39078  2.61093  1.000 8.46127  ? 11  VAL A O    1 
ATOM   242 C CB   . VAL A 1 11 ? 2.51700   -5.05142  0.15796  1.000 8.74636  ? 11  VAL A CB   1 
ATOM   243 C CG1  . VAL A 1 11 ? 1.36799   -5.90252  -0.35734 1.000 8.71472  ? 11  VAL A CG1  1 
ATOM   244 C CG2  . VAL A 1 11 ? 2.43324   -3.62085  -0.37207 1.000 9.28688  ? 11  VAL A CG2  1 
ATOM   245 H H    . VAL A 1 11 ? 2.38069   -6.91062  2.28528  1.000 8.86569  ? 11  VAL A H    1 
ATOM   246 H HA   . VAL A 1 11 ? 3.29922   -4.37998  1.92351  1.000 9.52154  ? 11  VAL A HA   1 
ATOM   247 H HB   . VAL A 1 11 ? 3.32207   -5.46639  -0.18926 1.000 10.50416 ? 11  VAL A HB   1 
ATOM   248 H HG11 . VAL A 1 11 ? 1.49886   -6.07016  -1.30374 1.000 10.46619 ? 11  VAL A HG11 1 
ATOM   249 H HG12 . VAL A 1 11 ? 1.35419   -6.74199  0.12847  1.000 10.46619 ? 11  VAL A HG12 1 
ATOM   250 H HG13 . VAL A 1 11 ? 0.53472   -5.42594  -0.21796 1.000 10.46619 ? 11  VAL A HG13 1 
ATOM   251 H HG21 . VAL A 1 11 ? 2.49951   -3.63817  -1.33964 1.000 11.15278 ? 11  VAL A HG21 1 
ATOM   252 H HG22 . VAL A 1 11 ? 1.58436   -3.23451  -0.10552 1.000 11.15278 ? 11  VAL A HG22 1 
ATOM   253 H HG23 . VAL A 1 11 ? 3.16391   -3.10281  0.00031  1.000 11.15278 ? 11  VAL A HG23 1 
ATOM   254 N N    . THR A 1 12 ? 1.35037   -3.33242  2.80302  1.000 8.05042  ? 12  THR A N    1 
ATOM   255 C CA   . THR A 1 12 ? 0.12874   -2.73113  3.32529  1.000 7.60730  ? 12  THR A CA   1 
ATOM   256 C C    . THR A 1 12 ? -0.53175  -1.94105  2.20560  1.000 6.80309  ? 12  THR A C    1 
ATOM   257 O O    . THR A 1 12 ? 0.14986   -1.08804  1.62185  1.000 7.01504  ? 12  THR A O    1 
ATOM   258 C CB   . THR A 1 12 ? 0.47800   -1.81923  4.47559  1.000 10.37252 ? 12  THR A CB   1 
ATOM   259 O OG1  . THR A 1 12 ? 1.15146   -2.58353  5.49619  1.000 13.29444 ? 12  THR A OG1  1 
ATOM   260 C CG2  . THR A 1 12 ? -0.72217  -1.17706  5.08522  1.000 11.91035 ? 12  THR A CG2  1 
ATOM   261 H H    . THR A 1 12 ? 2.02657   -2.80155  2.78013  1.000 9.66903  ? 12  THR A H    1 
ATOM   262 H HA   . THR A 1 12 ? -0.50448  -3.39135  3.64784  1.000 9.13728  ? 12  THR A HA   1 
ATOM   263 H HB   . THR A 1 12 ? 1.04594   -1.11033  4.13532  1.000 12.45554 ? 12  THR A HB   1 
ATOM   264 H HG1  . THR A 1 12 ? 1.41863   -2.07347  6.10778  1.000 15.96185 ? 12  THR A HG1  1 
ATOM   265 H HG21 . THR A 1 12 ? -0.47063  -0.70414  5.89390  1.000 14.30095 ? 12  THR A HG21 1 
ATOM   266 H HG22 . THR A 1 12 ? -1.11424  -0.54665  4.46091  1.000 14.30095 ? 12  THR A HG22 1 
ATOM   267 H HG23 . THR A 1 12 ? -1.38252  -1.85187  5.30764  1.000 14.30095 ? 12  THR A HG23 1 
HETATM 268 N N    . MVA A 1 13 ? -1.79616  -2.21022  1.89346  1.000 7.01482  ? 13  MVA A N    1 
HETATM 269 C CN   . MVA A 1 13 ? -2.60828  -3.19214  2.62255  1.000 9.73272  ? 13  MVA A CN   1 
HETATM 270 C CA   . MVA A 1 13 ? -2.38684  -1.48672  0.77757  1.000 6.53494  ? 13  MVA A CA   1 
HETATM 271 C CB   . MVA A 1 13 ? -2.95922  -2.42700  -0.28540 1.000 9.40513  ? 13  MVA A CB   1 
HETATM 272 C CG1  . MVA A 1 13 ? -1.98754  -3.53243  -0.63823 1.000 10.17513 ? 13  MVA A CG1  1 
HETATM 273 C CG2  . MVA A 1 13 ? -3.32952  -1.62128  -1.52023 1.000 11.17956 ? 13  MVA A CG2  1 
HETATM 274 C C    . MVA A 1 13 ? -3.44978  -0.50331  1.29376  1.000 7.29434  ? 13  MVA A C    1 
HETATM 275 O O    . MVA A 1 13 ? -4.43578  -0.94473  1.90201  1.000 9.45580  ? 13  MVA A O    1 
HETATM 276 H HN1  . MVA A 1 13 ? -2.66597  -2.94805  3.56681  1.000 11.68779 ? 13  MVA A HN1  1 
HETATM 277 H HN2  . MVA A 1 13 ? -3.51148  -3.22536  2.25156  1.000 11.68779 ? 13  MVA A HN2  1 
HETATM 278 H HN3  . MVA A 1 13 ? -2.20761  -4.08044  2.55228  1.000 11.68779 ? 13  MVA A HN3  1 
HETATM 279 H HA   . MVA A 1 13 ? -1.67543  -0.98619  0.30485  1.000 7.85045  ? 13  MVA A HA   1 
HETATM 280 H HB   . MVA A 1 13 ? -3.76935  -2.86448  0.07572  1.000 11.29468 ? 13  MVA A HB   1 
HETATM 281 H HG11 . MVA A 1 13 ? -2.37159  -4.09243  -1.33511 1.000 12.21868 ? 13  MVA A HG11 1 
HETATM 282 H HG12 . MVA A 1 13 ? -1.15488  -3.14339  -0.95769 1.000 12.21868 ? 13  MVA A HG12 1 
HETATM 283 H HG13 . MVA A 1 13 ? -1.81036  -4.07339  0.15088  1.000 12.21868 ? 13  MVA A HG13 1 
HETATM 284 H HG21 . MVA A 1 13 ? -2.53353  -1.19136  -1.87843 1.000 13.42399 ? 13  MVA A HG21 1 
HETATM 285 H HG22 . MVA A 1 13 ? -3.98424  -0.94244  -1.28096 1.000 13.42399 ? 13  MVA A HG22 1 
HETATM 286 H HG23 . MVA A 1 13 ? -3.70821  -2.21343  -2.19305 1.000 13.42399 ? 13  MVA A HG23 1 
ATOM   287 N N    . THR A 1 14 ? -3.21315  0.77344   1.11496  1.000 6.98675  ? 14  THR A N    1 
ATOM   288 C CA   . THR A 1 14 ? -4.15797  1.76353   1.57926  1.000 8.53911  ? 14  THR A CA   1 
ATOM   289 C C    . THR A 1 14 ? -4.69935  2.57297   0.40636  1.000 7.84674  ? 14  THR A C    1 
ATOM   290 O O    . THR A 1 14 ? -4.14963  2.56252   -0.69880 1.000 10.06308 ? 14  THR A O    1 
ATOM   291 C CB   . THR A 1 14 ? -3.57676  2.68931   2.63559  1.000 9.54711  ? 14  THR A CB   1 
ATOM   292 O OG1  . THR A 1 14 ? -2.38710  3.26613   2.13349  1.000 9.77222  ? 14  THR A OG1  1 
ATOM   293 C CG2  . THR A 1 14 ? -3.29516  1.97019   3.94205  1.000 11.84443 ? 14  THR A CG2  1 
ATOM   294 H H    . THR A 1 14 ? -2.51494  1.09422   0.72869  1.000 8.39263  ? 14  THR A H    1 
ATOM   295 H HA   . THR A 1 14 ? -4.90332  1.31062   2.00380  1.000 10.25546 ? 14  THR A HA   1 
ATOM   296 H HB   . THR A 1 14 ? -4.22430  3.38231   2.83891  1.000 11.46506 ? 14  THR A HB   1 
ATOM   297 H HG1  . THR A 1 14 ? -1.73827  2.75004   2.26869  1.000 11.73519 ? 14  THR A HG1  1 
ATOM   298 H HG21 . THR A 1 14 ? -2.93290  2.59257   4.59193  1.000 14.22184 ? 14  THR A HG21 1 
ATOM   299 H HG22 . THR A 1 14 ? -4.11460  1.58885   4.29416  1.000 14.22184 ? 14  THR A HG22 1 
ATOM   300 H HG23 . THR A 1 14 ? -2.65329  1.25758   3.79685  1.000 14.22184 ? 14  THR A HG23 1 
ATOM   301 N N    . VAL A 1 15 ? -5.81033  3.25145   0.63987  1.000 9.24419  ? 15  VAL A N    1 
ATOM   302 C CA   . VAL A 1 15 ? -6.43536  4.12417   -0.33664 1.000 8.81772  ? 15  VAL A CA   1 
ATOM   303 C C    . VAL A 1 15 ? -6.41786  5.49811   0.27632  1.000 9.61642  ? 15  VAL A C    1 
ATOM   304 O O    . VAL A 1 15 ? -6.90812  5.68474   1.39511  1.000 12.36421 ? 15  VAL A O    1 
ATOM   305 C CB   . VAL A 1 15 ? -7.89529  3.73229   -0.59263 1.000 14.88669 ? 15  VAL A CB   1 
ATOM   306 C CG1  . VAL A 1 15 ? -8.55424  4.70474   -1.59756 1.000 15.73037 ? 15  VAL A CG1  1 
ATOM   307 C CG2  . VAL A 1 15 ? -7.98430  2.30831   -1.05790 1.000 19.08386 ? 15  VAL A CG2  1 
ATOM   308 H H    . VAL A 1 15 ? -6.23655  3.22071   1.38618  1.000 11.10155 ? 15  VAL A H    1 
ATOM   309 H HA   . VAL A 1 15 ? -5.94561  4.09480   -1.17340 1.000 10.58979 ? 15  VAL A HA   1 
ATOM   310 H HB   . VAL A 1 15 ? -8.39167  3.79781   0.23816  1.000 17.87256 ? 15  VAL A HB   1 
ATOM   311 H HG11 . VAL A 1 15 ? -9.39158  4.32277   -1.90392 1.000 18.88497 ? 15  VAL A HG11 1 
ATOM   312 H HG12 . VAL A 1 15 ? -8.71942  5.55201   -1.15515 1.000 18.88497 ? 15  VAL A HG12 1 
ATOM   313 H HG13 . VAL A 1 15 ? -7.95555  4.83540   -2.34949 1.000 18.88497 ? 15  VAL A HG13 1 
ATOM   314 H HG21 . VAL A 1 15 ? -8.39211  2.28847   -1.93778 1.000 22.90915 ? 15  VAL A HG21 1 
ATOM   315 H HG22 . VAL A 1 15 ? -7.09077  1.93304   -1.09891 1.000 22.90915 ? 15  VAL A HG22 1 
ATOM   316 H HG23 . VAL A 1 15 ? -8.52621  1.80444   -0.43071 1.000 22.90915 ? 15  VAL A HG23 1 
ATOM   317 N N    . LYS A 1 16 ? -5.84785  6.43188   -0.44693 1.000 10.98497 ? 16  LYS A N    1 
ATOM   318 C CA   . LYS A 1 16 ? -5.87461  7.81163   -0.05890 0.887 9.68914  ? 16  LYS A CA   1 
ATOM   319 C C    . LYS A 1 16 ? -6.45597  8.66344   -1.14486 1.000 11.56184 ? 16  LYS A C    1 
ATOM   320 O O    . LYS A 1 16 ? -5.83310  8.89699   -2.16928 1.000 11.71322 ? 16  LYS A O    1 
ATOM   321 C CB   A LYS A 1 16 ? -4.46408  8.28684   0.20498  0.597 12.67160 ? 16  LYS A CB   1 
ATOM   322 C CB   B LYS A 1 16 ? -4.45827  8.26303   0.22330  0.403 12.73055 ? 16  LYS A CB   1 
ATOM   323 C CG   A LYS A 1 16 ? -4.36721  9.75454   0.60043  0.597 18.76550 ? 16  LYS A CG   1 
ATOM   324 C CG   B LYS A 1 16 ? -3.69309  7.26444   1.08697  0.403 17.96026 ? 16  LYS A CG   1 
ATOM   325 C CD   A LYS A 1 16 ? -5.11828  10.08938  1.89961  0.597 19.91307 ? 16  LYS A CD   1 
ATOM   326 C CD   B LYS A 1 16 ? -2.26669  7.64954   1.22918  0.403 19.82961 ? 16  LYS A CD   1 
ATOM   327 C CE   A LYS A 1 16 ? -4.56852  9.34703   3.10683  0.597 18.97550 ? 16  LYS A CE   1 
ATOM   328 C CE   B LYS A 1 16 ? -2.12346  8.54162   2.43116  0.403 19.61665 ? 16  LYS A CE   1 
ATOM   329 N NZ   A LYS A 1 16 ? -4.76186  10.02819  4.44994  0.597 15.34384 ? 16  LYS A NZ   1 
ATOM   330 N NZ   B LYS A 1 16 ? -0.76310  9.02835   2.54276  0.403 19.10056 ? 16  LYS A NZ   1 
ATOM   331 H H    . LYS A 1 16 ? -5.42985  6.28528   -1.18408 1.000 13.19049 ? 16  LYS A H    1 
ATOM   332 H HA   . LYS A 1 16 ? -6.41491  7.90499   0.74126  1.000 11.63550 ? 16  LYS A HA   1 
ATOM   333 H HB2  A LYS A 1 16 ? -4.08946  7.76105   0.92893  0.597 15.21444 ? 16  LYS A HB2  1 
ATOM   334 H HB2  B LYS A 1 16 ? -3.98348  8.36220   -0.61672 0.403 15.28519 ? 16  LYS A HB2  1 
ATOM   335 H HB3  A LYS A 1 16 ? -3.93878  8.16334   -0.60106 0.597 15.21444 ? 16  LYS A HB3  1 
ATOM   336 H HB3  B LYS A 1 16 ? -4.48319  9.11163   0.69250  0.403 15.28519 ? 16  LYS A HB3  1 
ATOM   337 H HG2  A LYS A 1 16 ? -3.43361  9.98358   0.73020  0.597 22.52713 ? 16  LYS A HG2  1 
ATOM   338 H HG2  B LYS A 1 16 ? -4.09031  7.23393   1.97138  0.403 21.56083 ? 16  LYS A HG2  1 
ATOM   339 H HG3  A LYS A 1 16 ? -4.74620  10.29640  -0.10925 0.597 22.52713 ? 16  LYS A HG3  1 
ATOM   340 H HG3  B LYS A 1 16 ? -3.73243  6.38707   0.67516  0.403 21.56083 ? 16  LYS A HG3  1 
ATOM   341 H HD2  A LYS A 1 16 ? -5.04167  11.04069  2.07295  0.597 23.90421 ? 16  LYS A HD2  1 
ATOM   342 H HD2  B LYS A 1 16 ? -1.72060  6.85797   1.35605  0.403 23.80405 ? 16  LYS A HD2  1 
ATOM   343 H HD3  A LYS A 1 16 ? -6.05138  9.84488   1.79743  0.597 23.90421 ? 16  LYS A HD3  1 
ATOM   344 H HD3  B LYS A 1 16 ? -1.97331  8.13210   0.44053  0.403 23.80405 ? 16  LYS A HD3  1 
ATOM   345 H HE2  A LYS A 1 16 ? -5.00714  8.48339   3.15831  0.597 22.77913 ? 16  LYS A HE2  1 
ATOM   346 H HE2  B LYS A 1 16 ? -2.71808  9.30296   2.34345  0.403 23.54850 ? 16  LYS A HE2  1 
ATOM   347 H HE3  A LYS A 1 16 ? -3.61411  9.22746   2.98148  0.597 22.77913 ? 16  LYS A HE3  1 
ATOM   348 H HE3  B LYS A 1 16 ? -2.34006  8.04227   3.23406  0.403 23.54850 ? 16  LYS A HE3  1 
ATOM   349 H HZ1  A LYS A 1 16 ? -4.35566  9.56109   5.08941  0.597 18.42113 ? 16  LYS A HZ1  1 
ATOM   350 H HZ1  B LYS A 1 16 ? -0.25547  8.42217   2.95136  0.403 22.92919 ? 16  LYS A HZ1  1 
ATOM   351 H HZ2  A LYS A 1 16 ? -4.41682  10.84829  4.42781  0.597 18.42113 ? 16  LYS A HZ2  1 
ATOM   352 H HZ2  B LYS A 1 16 ? -0.42900  9.18648   1.73315  0.403 22.92919 ? 16  LYS A HZ2  1 
ATOM   353 H HZ3  A LYS A 1 16 ? -5.62939  10.08487  4.64042  0.597 18.42113 ? 16  LYS A HZ3  1 
ATOM   354 H HZ3  B LYS A 1 16 ? -0.74757  9.78314   3.01409  0.403 22.92919 ? 16  LYS A HZ3  1 
HETATM 355 O O    . HOH B 2 .  ? 3.66947   -3.57944  4.98700  1.000 14.26859 ? 101 HOH A O    1 
HETATM 356 O O    . HOH B 2 .  ? -4.64468  11.18994  -3.00284 1.000 13.72233 ? 102 HOH A O    1 
HETATM 357 O O    . HOH B 2 .  ? 8.33391   -0.11398  8.47605  1.000 13.17931 ? 103 HOH A O    1 
HETATM 358 O O    . HOH B 2 .  ? 9.63229   0.00155   4.14882  1.000 18.30201 ? 104 HOH A O    1 
HETATM 359 O O    . HOH B 2 .  ? -1.02481  5.10779   3.68907  1.000 23.34948 ? 105 HOH A O    1 
HETATM 360 O O    . HOH B 2 .  ? 10.74449  -11.26795 3.07067  0.50  23.10063 ? 106 HOH A O    1 
HETATM 361 O O    . HOH B 2 .  ? 0.94578   3.73163   -5.82970 1.000 14.64178 ? 107 HOH A O    1 
HETATM 362 O O    . HOH B 2 .  ? -0.07974  1.71031   2.42155  1.000 11.19508 ? 108 HOH A O    1 
HETATM 363 O O    . HOH B 2 .  ? 5.72813   -5.90675  -1.71566 1.000 14.28978 ? 109 HOH A O    1 
HETATM 364 O O    . HOH B 2 .  ? -8.47117  12.10698  -4.71152 1.000 24.10778 ? 110 HOH A O    1 
HETATM 365 O O    . HOH B 2 .  ? -9.08905  9.20157   2.02388  0.50  25.52021 ? 111 HOH A O    1 
HETATM 366 O O    . HOH B 2 .  ? 1.33663   2.52130   4.84280  1.000 20.37520 ? 112 HOH A O    1 
# 
loop_
_pdbx_poly_seq_scheme.asym_id 
_pdbx_poly_seq_scheme.entity_id 
_pdbx_poly_seq_scheme.seq_id 
_pdbx_poly_seq_scheme.mon_id 
_pdbx_poly_seq_scheme.ndb_seq_num 
_pdbx_poly_seq_scheme.pdb_seq_num 
_pdbx_poly_seq_scheme.auth_seq_num 
_pdbx_poly_seq_scheme.pdb_mon_id 
_pdbx_poly_seq_scheme.auth_mon_id 
_pdbx_poly_seq_scheme.pdb_strand_id 
_pdbx_poly_seq_scheme.pdb_ins_code 
_pdbx_poly_seq_scheme.hetero 
A 1 1  ORN 1  1  1  ORN ORD A . n 
A 1 2  TYR 2  2  2  TYR TYR A . n 
A 1 3  LEU 3  3  3  LEU LEU A . n 
A 1 4  LEU 4  4  4  LEU LEU A . n 
A 1 5  PHI 5  5  5  PHI PHI A . n 
A 1 6  TYR 6  6  6  TYR TYR A . n 
A 1 7  THR 7  7  7  THR THR A . n 
A 1 8  GLU 8  8  8  GLU GLU A . n 
A 1 9  Y1V 9  9  9  Y1V GMO A . n 
A 1 10 LYS 10 10 10 LYS LYS A . n 
A 1 11 VAL 11 11 11 VAL VAL A . n 
A 1 12 THR 12 12 12 THR THR A . n 
A 1 13 MVA 13 13 13 MVA MVA A . n 
A 1 14 THR 14 14 14 THR THR A . n 
A 1 15 VAL 15 15 15 VAL VAL A . n 
A 1 16 LYS 16 16 16 LYS LYS A . n 
# 
loop_
_pdbx_nonpoly_scheme.asym_id 
_pdbx_nonpoly_scheme.entity_id 
_pdbx_nonpoly_scheme.mon_id 
_pdbx_nonpoly_scheme.ndb_seq_num 
_pdbx_nonpoly_scheme.pdb_seq_num 
_pdbx_nonpoly_scheme.auth_seq_num 
_pdbx_nonpoly_scheme.pdb_mon_id 
_pdbx_nonpoly_scheme.auth_mon_id 
_pdbx_nonpoly_scheme.pdb_strand_id 
_pdbx_nonpoly_scheme.pdb_ins_code 
B 2 HOH 1  101 5  HOH HOH A . 
B 2 HOH 2  102 3  HOH HOH A . 
B 2 HOH 3  103 2  HOH HOH A . 
B 2 HOH 4  104 8  HOH HOH A . 
B 2 HOH 5  105 9  HOH HOH A . 
B 2 HOH 6  106 7  HOH HOH A . 
B 2 HOH 7  107 4  HOH HOH A . 
B 2 HOH 8  108 1  HOH HOH A . 
B 2 HOH 9  109 6  HOH HOH A . 
B 2 HOH 10 110 11 HOH HOH A . 
B 2 HOH 11 111 12 HOH HOH A . 
B 2 HOH 12 112 10 HOH HOH A . 
# 
_pdbx_struct_assembly.id                   1 
_pdbx_struct_assembly.details              author_and_software_defined_assembly 
_pdbx_struct_assembly.method_details       PISA 
_pdbx_struct_assembly.oligomeric_details   octameric 
_pdbx_struct_assembly.oligomeric_count     8 
# 
_pdbx_struct_assembly_gen.assembly_id       1 
_pdbx_struct_assembly_gen.oper_expression   1,2,3,4,5,6,7,8 
_pdbx_struct_assembly_gen.asym_id_list      A,B 
# 
loop_
_pdbx_struct_assembly_prop.biol_id 
_pdbx_struct_assembly_prop.type 
_pdbx_struct_assembly_prop.value 
_pdbx_struct_assembly_prop.details 
1 'ABSA (A^2)' 7760 ? 
1 MORE         -51  ? 
1 'SSA (A^2)'  7410 ? 
# 
loop_
_pdbx_struct_oper_list.id 
_pdbx_struct_oper_list.type 
_pdbx_struct_oper_list.name 
_pdbx_struct_oper_list.symmetry_operation 
_pdbx_struct_oper_list.matrix[1][1] 
_pdbx_struct_oper_list.matrix[1][2] 
_pdbx_struct_oper_list.matrix[1][3] 
_pdbx_struct_oper_list.vector[1] 
_pdbx_struct_oper_list.matrix[2][1] 
_pdbx_struct_oper_list.matrix[2][2] 
_pdbx_struct_oper_list.matrix[2][3] 
_pdbx_struct_oper_list.vector[2] 
_pdbx_struct_oper_list.matrix[3][1] 
_pdbx_struct_oper_list.matrix[3][2] 
_pdbx_struct_oper_list.matrix[3][3] 
_pdbx_struct_oper_list.vector[3] 
1 'identity operation'         1_555 x,y,z        1.0000000000  0.0000000000  0.0000000000  0.0000000000   0.0000000000  1.0000000000  0.0000000000  0.0000000000   0.0000000000  0.0000000000  1.0000000000  0.0000000000   
2 'crystal symmetry operation' 2_665 -x+1,-y+1,z  -0.2407063940 -0.8638561519 -0.4425076052 -13.5048689547 -0.8638561519 -0.0171819631 0.5034454577  -6.0277304574  -0.4425076052 0.5034454577  -0.7421116429 -11.4056087396 
3 'crystal symmetry operation' 3_655 -y+1,x,z     0.3796468030  -0.7910160576 0.4797519167  -3.8369787802  -0.0728400943 0.4914090185  0.8678775819  2.9246634277   -0.9222595219 -0.3644321242 0.1289441786  -12.2933072446 
4 'crystal symmetry operation' 4_565 y,-x+1,z     0.3796468030  -0.0728400943 -0.9222595219 -9.6678901745  -0.7910160576 0.4914090185  -0.3644321242 -8.9523938851  0.4797519167  0.8678775819  0.1289441786  0.8876985050   
5 'crystal symmetry operation' 5_655 -x+1,y,-z    -0.1565323649 0.9223335246  -0.3532682949 -1.2705837014  0.9223335246  0.0085735304  -0.3862995781 -5.5317682603  -0.3532682949 -0.3862995781 -0.8520411655 -17.4763250350 
6 'crystal symmetry operation' 6_565 x,-y+1,-z    -0.6027612411 -0.0584773726 0.7957759001  -0.6869725525  -0.0584773726 -0.9913915673 -0.1171458796 -13.6334587289 0.7957759001  -0.1171458796 0.5941528084  -0.6589251096  
7 'crystal symmetry operation' 7_555 y,x,-z       0.1991951759  0.7058049413  0.6798239969  6.3703784777   0.7058049413  -0.5845875424 0.4001209693  -4.2967683297  0.6798239969  0.4001209693  -0.6146076335 -6.7762344987  
8 'crystal symmetry operation' 8_665 -y+1,-x+1,-z -0.9584887819 0.1580512106  -0.2373163917 -8.3279347316  0.1580512106  -0.3982304945 -0.9035664270 -14.8684586595 -0.2373163917 -0.9035664270 0.3567192764  -11.3590156459 
# 
loop_
_pdbx_struct_special_symmetry.id 
_pdbx_struct_special_symmetry.PDB_model_num 
_pdbx_struct_special_symmetry.auth_asym_id 
_pdbx_struct_special_symmetry.auth_comp_id 
_pdbx_struct_special_symmetry.auth_seq_id 
_pdbx_struct_special_symmetry.PDB_ins_code 
_pdbx_struct_special_symmetry.label_asym_id 
_pdbx_struct_special_symmetry.label_comp_id 
_pdbx_struct_special_symmetry.label_seq_id 
1 1 A HOH 106 ? B HOH . 
2 1 A HOH 111 ? B HOH . 
# 
loop_
_pdbx_audit_revision_history.ordinal 
_pdbx_audit_revision_history.data_content_type 
_pdbx_audit_revision_history.major_revision 
_pdbx_audit_revision_history.minor_revision 
_pdbx_audit_revision_history.revision_date 
1 'Structure model' 1 0 2021-08-11 
2 'Structure model' 1 1 2021-10-20 
3 'Structure model' 2 0 2023-11-15 
# 
_pdbx_audit_revision_details.ordinal             1 
_pdbx_audit_revision_details.revision_ordinal    1 
_pdbx_audit_revision_details.data_content_type   'Structure model' 
_pdbx_audit_revision_details.provider            repository 
_pdbx_audit_revision_details.type                'Initial release' 
_pdbx_audit_revision_details.description         ? 
_pdbx_audit_revision_details.details             ? 
# 
loop_
_pdbx_audit_revision_group.ordinal 
_pdbx_audit_revision_group.revision_ordinal 
_pdbx_audit_revision_group.data_content_type 
_pdbx_audit_revision_group.group 
1 2 'Structure model' 'Database references'  
2 3 'Structure model' 'Atomic model'         
3 3 'Structure model' 'Data collection'      
4 3 'Structure model' 'Derived calculations' 
# 
loop_
_pdbx_audit_revision_category.ordinal 
_pdbx_audit_revision_category.revision_ordinal 
_pdbx_audit_revision_category.data_content_type 
_pdbx_audit_revision_category.category 
1 2 'Structure model' citation                    
2 2 'Structure model' citation_author             
3 3 'Structure model' atom_site                   
4 3 'Structure model' chem_comp_atom              
5 3 'Structure model' chem_comp_bond              
6 3 'Structure model' pdbx_validate_peptide_omega 
7 3 'Structure model' pdbx_validate_rmsd_angle    
8 3 'Structure model' pdbx_validate_torsion       
9 3 'Structure model' struct_conn                 
# 
loop_
_pdbx_audit_revision_item.ordinal 
_pdbx_audit_revision_item.revision_ordinal 
_pdbx_audit_revision_item.data_content_type 
_pdbx_audit_revision_item.item 
1 2 'Structure model' '_citation.journal_volume'            
2 2 'Structure model' '_citation.page_first'                
3 2 'Structure model' '_citation.page_last'                 
4 2 'Structure model' '_citation_author.name'               
5 3 'Structure model' '_atom_site.auth_atom_id'             
6 3 'Structure model' '_atom_site.label_atom_id'            
7 3 'Structure model' '_struct_conn.pdbx_leaving_atom_flag' 
8 3 'Structure model' '_struct_conn.ptnr2_label_atom_id'    
# 
loop_
_space_group_symop.id 
_space_group_symop.operation_xyz 
1  x,y,z                
2  -y,x,z               
3  y,-x,z               
4  x,-y,-z              
5  -x,y,-z              
6  -x,-y,z              
7  y,x,-z               
8  -y,-x,-z             
9  x+1/2,y+1/2,z+1/2    
10 -y+1/2,x+1/2,z+1/2   
11 y+1/2,-x+1/2,z+1/2   
12 x+1/2,-y+1/2,-z+1/2  
13 -x+1/2,y+1/2,-z+1/2  
14 -x+1/2,-y+1/2,z+1/2  
15 y+1/2,x+1/2,-z+1/2   
16 -y+1/2,-x+1/2,-z+1/2 
# 
loop_
_software.citation_id 
_software.classification 
_software.compiler_name 
_software.compiler_version 
_software.contact_author 
_software.contact_author_email 
_software.date 
_software.description 
_software.dependencies 
_software.hardware 
_software.language 
_software.location 
_software.mods 
_software.name 
_software.os 
_software.os_version 
_software.type 
_software.version 
_software.pdbx_ordinal 
? refinement       ? ? ? ? ? ? ? ? ? ? ? PHENIX  ? ? ? 1.19_4092 1 
? 'data reduction' ? ? ? ? ? ? ? ? ? ? ? XDS     ? ? ? .         2 
? 'data scaling'   ? ? ? ? ? ? ? ? ? ? ? Aimless ? ? ? .         3 
? phasing          ? ? ? ? ? ? ? ? ? ? ? AutoSol ? ? ? .         4 
# 
_pdbx_entry_details.entry_id                 7LIB 
_pdbx_entry_details.has_ligand_of_interest   Y 
_pdbx_entry_details.compound_details         ? 
_pdbx_entry_details.source_details           ? 
_pdbx_entry_details.nonpolymer_details       ? 
_pdbx_entry_details.sequence_details         ? 
# 
_pdbx_validate_rmsd_angle.id                         1 
_pdbx_validate_rmsd_angle.PDB_model_num              1 
_pdbx_validate_rmsd_angle.auth_atom_id_1             C 
_pdbx_validate_rmsd_angle.auth_asym_id_1             A 
_pdbx_validate_rmsd_angle.auth_comp_id_1             GLU 
_pdbx_validate_rmsd_angle.auth_seq_id_1              8 
_pdbx_validate_rmsd_angle.PDB_ins_code_1             ? 
_pdbx_validate_rmsd_angle.label_alt_id_1             ? 
_pdbx_validate_rmsd_angle.auth_atom_id_2             N 
_pdbx_validate_rmsd_angle.auth_asym_id_2             A 
_pdbx_validate_rmsd_angle.auth_comp_id_2             Y1V 
_pdbx_validate_rmsd_angle.auth_seq_id_2              9 
_pdbx_validate_rmsd_angle.PDB_ins_code_2             ? 
_pdbx_validate_rmsd_angle.label_alt_id_2             ? 
_pdbx_validate_rmsd_angle.auth_atom_id_3             CA 
_pdbx_validate_rmsd_angle.auth_asym_id_3             A 
_pdbx_validate_rmsd_angle.auth_comp_id_3             Y1V 
_pdbx_validate_rmsd_angle.auth_seq_id_3              9 
_pdbx_validate_rmsd_angle.PDB_ins_code_3             ? 
_pdbx_validate_rmsd_angle.label_alt_id_3             ? 
_pdbx_validate_rmsd_angle.angle_value                86.11 
_pdbx_validate_rmsd_angle.angle_target_value         121.70 
_pdbx_validate_rmsd_angle.angle_deviation            -35.59 
_pdbx_validate_rmsd_angle.angle_standard_deviation   2.50 
_pdbx_validate_rmsd_angle.linker_flag                Y 
# 
_pdbx_validate_torsion.id              1 
_pdbx_validate_torsion.PDB_model_num   1 
_pdbx_validate_torsion.auth_comp_id    Y1V 
_pdbx_validate_torsion.auth_asym_id    A 
_pdbx_validate_torsion.auth_seq_id     9 
_pdbx_validate_torsion.PDB_ins_code    ? 
_pdbx_validate_torsion.label_alt_id    ? 
_pdbx_validate_torsion.phi             26.50 
_pdbx_validate_torsion.psi             -28.06 
# 
_pdbx_validate_peptide_omega.id               1 
_pdbx_validate_peptide_omega.PDB_model_num    1 
_pdbx_validate_peptide_omega.auth_comp_id_1   GLU 
_pdbx_validate_peptide_omega.auth_asym_id_1   A 
_pdbx_validate_peptide_omega.auth_seq_id_1    8 
_pdbx_validate_peptide_omega.PDB_ins_code_1   ? 
_pdbx_validate_peptide_omega.label_alt_id_1   ? 
_pdbx_validate_peptide_omega.auth_comp_id_2   Y1V 
_pdbx_validate_peptide_omega.auth_asym_id_2   A 
_pdbx_validate_peptide_omega.auth_seq_id_2    9 
_pdbx_validate_peptide_omega.PDB_ins_code_2   ? 
_pdbx_validate_peptide_omega.label_alt_id_2   ? 
_pdbx_validate_peptide_omega.omega            -146.80 
# 
loop_
_chem_comp_atom.comp_id 
_chem_comp_atom.atom_id 
_chem_comp_atom.type_symbol 
_chem_comp_atom.pdbx_aromatic_flag 
_chem_comp_atom.pdbx_stereo_config 
_chem_comp_atom.pdbx_ordinal 
GLU N    N N N 1   
GLU CA   C N S 2   
GLU C    C N N 3   
GLU O    O N N 4   
GLU CB   C N N 5   
GLU CG   C N N 6   
GLU CD   C N N 7   
GLU OE1  O N N 8   
GLU OE2  O N N 9   
GLU OXT  O N N 10  
GLU H    H N N 11  
GLU H2   H N N 12  
GLU HA   H N N 13  
GLU HB2  H N N 14  
GLU HB3  H N N 15  
GLU HG2  H N N 16  
GLU HG3  H N N 17  
GLU HE2  H N N 18  
GLU HXT  H N N 19  
HOH O    O N N 20  
HOH H1   H N N 21  
HOH H2   H N N 22  
LEU N    N N N 23  
LEU CA   C N S 24  
LEU C    C N N 25  
LEU O    O N N 26  
LEU CB   C N N 27  
LEU CG   C N N 28  
LEU CD1  C N N 29  
LEU CD2  C N N 30  
LEU OXT  O N N 31  
LEU H    H N N 32  
LEU H2   H N N 33  
LEU HA   H N N 34  
LEU HB2  H N N 35  
LEU HB3  H N N 36  
LEU HG   H N N 37  
LEU HD11 H N N 38  
LEU HD12 H N N 39  
LEU HD13 H N N 40  
LEU HD21 H N N 41  
LEU HD22 H N N 42  
LEU HD23 H N N 43  
LEU HXT  H N N 44  
LYS N    N N N 45  
LYS CA   C N S 46  
LYS C    C N N 47  
LYS O    O N N 48  
LYS CB   C N N 49  
LYS CG   C N N 50  
LYS CD   C N N 51  
LYS CE   C N N 52  
LYS NZ   N N N 53  
LYS OXT  O N N 54  
LYS H    H N N 55  
LYS H2   H N N 56  
LYS HA   H N N 57  
LYS HB2  H N N 58  
LYS HB3  H N N 59  
LYS HG2  H N N 60  
LYS HG3  H N N 61  
LYS HD2  H N N 62  
LYS HD3  H N N 63  
LYS HE2  H N N 64  
LYS HE3  H N N 65  
LYS HZ1  H N N 66  
LYS HZ2  H N N 67  
LYS HZ3  H N N 68  
LYS HXT  H N N 69  
MVA N    N N N 70  
MVA CN   C N N 71  
MVA CA   C N S 72  
MVA CB   C N N 73  
MVA CG1  C N N 74  
MVA CG2  C N N 75  
MVA C    C N N 76  
MVA O    O N N 77  
MVA OXT  O N N 78  
MVA H    H N N 79  
MVA HN1  H N N 80  
MVA HN2  H N N 81  
MVA HN3  H N N 82  
MVA HA   H N N 83  
MVA HB   H N N 84  
MVA HG11 H N N 85  
MVA HG12 H N N 86  
MVA HG13 H N N 87  
MVA HG21 H N N 88  
MVA HG22 H N N 89  
MVA HG23 H N N 90  
MVA HXT  H N N 91  
ORN N    N N N 92  
ORN CA   C N S 93  
ORN CB   C N N 94  
ORN CG   C N N 95  
ORN CD   C N N 96  
ORN NE   N N N 97  
ORN C    C N N 98  
ORN O    O N N 99  
ORN OXT  O N N 100 
ORN H    H N N 101 
ORN H2   H N N 102 
ORN HA   H N N 103 
ORN HB2  H N N 104 
ORN HB3  H N N 105 
ORN HG2  H N N 106 
ORN HG3  H N N 107 
ORN HD2  H N N 108 
ORN HD3  H N N 109 
ORN HE1  H N N 110 
ORN HE2  H N N 111 
ORN HXT  H N N 112 
PHI N    N N N 113 
PHI CA   C N S 114 
PHI CB   C N N 115 
PHI CG   C Y N 116 
PHI CD1  C Y N 117 
PHI CD2  C Y N 118 
PHI CE1  C Y N 119 
PHI CE2  C Y N 120 
PHI CZ   C Y N 121 
PHI I    I N N 122 
PHI C    C N N 123 
PHI O    O N N 124 
PHI OXT  O N N 125 
PHI H    H N N 126 
PHI H2   H N N 127 
PHI HA   H N N 128 
PHI HB2  H N N 129 
PHI HB3  H N N 130 
PHI HD1  H N N 131 
PHI HD2  H N N 132 
PHI HE1  H N N 133 
PHI HE2  H N N 134 
PHI HXT  H N N 135 
THR N    N N N 136 
THR CA   C N S 137 
THR C    C N N 138 
THR O    O N N 139 
THR CB   C N R 140 
THR OG1  O N N 141 
THR CG2  C N N 142 
THR OXT  O N N 143 
THR H    H N N 144 
THR H2   H N N 145 
THR HA   H N N 146 
THR HB   H N N 147 
THR HG1  H N N 148 
THR HG21 H N N 149 
THR HG22 H N N 150 
THR HG23 H N N 151 
THR HXT  H N N 152 
TYR N    N N N 153 
TYR CA   C N S 154 
TYR C    C N N 155 
TYR O    O N N 156 
TYR CB   C N N 157 
TYR CG   C Y N 158 
TYR CD1  C Y N 159 
TYR CD2  C Y N 160 
TYR CE1  C Y N 161 
TYR CE2  C Y N 162 
TYR CZ   C Y N 163 
TYR OH   O N N 164 
TYR OXT  O N N 165 
TYR H    H N N 166 
TYR H2   H N N 167 
TYR HA   H N N 168 
TYR HB2  H N N 169 
TYR HB3  H N N 170 
TYR HD1  H N N 171 
TYR HD2  H N N 172 
TYR HE1  H N N 173 
TYR HE2  H N N 174 
TYR HH   H N N 175 
TYR HXT  H N N 176 
VAL N    N N N 177 
VAL CA   C N S 178 
VAL C    C N N 179 
VAL O    O N N 180 
VAL CB   C N N 181 
VAL CG1  C N N 182 
VAL CG2  C N N 183 
VAL OXT  O N N 184 
VAL H    H N N 185 
VAL H2   H N N 186 
VAL HA   H N N 187 
VAL HB   H N N 188 
VAL HG11 H N N 189 
VAL HG12 H N N 190 
VAL HG13 H N N 191 
VAL HG21 H N N 192 
VAL HG22 H N N 193 
VAL HG23 H N N 194 
VAL HXT  H N N 195 
Y1V C    C N N 196 
Y1V O    O N N 197 
Y1V CB   C N N 198 
Y1V CG   C N R 199 
Y1V CD   C N N 200 
Y1V N    N N N 201 
Y1V CM   C N N 202 
Y1V CA   C N S 203 
Y1V NA   N N N 204 
Y1V OXT  O N N 205 
Y1V HB3  H N N 206 
Y1V HB2  H N N 207 
Y1V HG2  H N N 208 
Y1V HD2  H N N 209 
Y1V HD3  H N N 210 
Y1V H    H N N 211 
Y1V H2   H N N 212 
Y1V HM11 H N N 213 
Y1V HM1  H N N 214 
Y1V HM2  H N N 215 
Y1V HA   H N N 216 
Y1V HN1  H N N 217 
Y1V HN3  H N N 218 
Y1V HXT  H N N 219 
# 
loop_
_chem_comp_bond.comp_id 
_chem_comp_bond.atom_id_1 
_chem_comp_bond.atom_id_2 
_chem_comp_bond.value_order 
_chem_comp_bond.pdbx_aromatic_flag 
_chem_comp_bond.pdbx_stereo_config 
_chem_comp_bond.pdbx_ordinal 
GLU N   CA   sing N N 1   
GLU N   H    sing N N 2   
GLU N   H2   sing N N 3   
GLU CA  C    sing N N 4   
GLU CA  CB   sing N N 5   
GLU CA  HA   sing N N 6   
GLU C   O    doub N N 7   
GLU C   OXT  sing N N 8   
GLU CB  CG   sing N N 9   
GLU CB  HB2  sing N N 10  
GLU CB  HB3  sing N N 11  
GLU CG  CD   sing N N 12  
GLU CG  HG2  sing N N 13  
GLU CG  HG3  sing N N 14  
GLU CD  OE1  doub N N 15  
GLU CD  OE2  sing N N 16  
GLU OE2 HE2  sing N N 17  
GLU OXT HXT  sing N N 18  
HOH O   H1   sing N N 19  
HOH O   H2   sing N N 20  
LEU N   CA   sing N N 21  
LEU N   H    sing N N 22  
LEU N   H2   sing N N 23  
LEU CA  C    sing N N 24  
LEU CA  CB   sing N N 25  
LEU CA  HA   sing N N 26  
LEU C   O    doub N N 27  
LEU C   OXT  sing N N 28  
LEU CB  CG   sing N N 29  
LEU CB  HB2  sing N N 30  
LEU CB  HB3  sing N N 31  
LEU CG  CD1  sing N N 32  
LEU CG  CD2  sing N N 33  
LEU CG  HG   sing N N 34  
LEU CD1 HD11 sing N N 35  
LEU CD1 HD12 sing N N 36  
LEU CD1 HD13 sing N N 37  
LEU CD2 HD21 sing N N 38  
LEU CD2 HD22 sing N N 39  
LEU CD2 HD23 sing N N 40  
LEU OXT HXT  sing N N 41  
LYS N   CA   sing N N 42  
LYS N   H    sing N N 43  
LYS N   H2   sing N N 44  
LYS CA  C    sing N N 45  
LYS CA  CB   sing N N 46  
LYS CA  HA   sing N N 47  
LYS C   O    doub N N 48  
LYS C   OXT  sing N N 49  
LYS CB  CG   sing N N 50  
LYS CB  HB2  sing N N 51  
LYS CB  HB3  sing N N 52  
LYS CG  CD   sing N N 53  
LYS CG  HG2  sing N N 54  
LYS CG  HG3  sing N N 55  
LYS CD  CE   sing N N 56  
LYS CD  HD2  sing N N 57  
LYS CD  HD3  sing N N 58  
LYS CE  NZ   sing N N 59  
LYS CE  HE2  sing N N 60  
LYS CE  HE3  sing N N 61  
LYS NZ  HZ1  sing N N 62  
LYS NZ  HZ2  sing N N 63  
LYS NZ  HZ3  sing N N 64  
LYS OXT HXT  sing N N 65  
MVA N   CN   sing N N 66  
MVA N   CA   sing N N 67  
MVA N   H    sing N N 68  
MVA CN  HN1  sing N N 69  
MVA CN  HN2  sing N N 70  
MVA CN  HN3  sing N N 71  
MVA CA  CB   sing N N 72  
MVA CA  C    sing N N 73  
MVA CA  HA   sing N N 74  
MVA CB  CG1  sing N N 75  
MVA CB  CG2  sing N N 76  
MVA CB  HB   sing N N 77  
MVA CG1 HG11 sing N N 78  
MVA CG1 HG12 sing N N 79  
MVA CG1 HG13 sing N N 80  
MVA CG2 HG21 sing N N 81  
MVA CG2 HG22 sing N N 82  
MVA CG2 HG23 sing N N 83  
MVA C   O    doub N N 84  
MVA C   OXT  sing N N 85  
MVA OXT HXT  sing N N 86  
ORN N   CA   sing N N 87  
ORN N   H    sing N N 88  
ORN N   H2   sing N N 89  
ORN CA  CB   sing N N 90  
ORN CA  C    sing N N 91  
ORN CA  HA   sing N N 92  
ORN CB  CG   sing N N 93  
ORN CB  HB2  sing N N 94  
ORN CB  HB3  sing N N 95  
ORN CG  CD   sing N N 96  
ORN CG  HG2  sing N N 97  
ORN CG  HG3  sing N N 98  
ORN CD  NE   sing N N 99  
ORN CD  HD2  sing N N 100 
ORN CD  HD3  sing N N 101 
ORN NE  HE1  sing N N 102 
ORN NE  HE2  sing N N 103 
ORN C   O    doub N N 104 
ORN C   OXT  sing N N 105 
ORN OXT HXT  sing N N 106 
PHI N   CA   sing N N 107 
PHI N   H    sing N N 108 
PHI N   H2   sing N N 109 
PHI CA  CB   sing N N 110 
PHI CA  C    sing N N 111 
PHI CA  HA   sing N N 112 
PHI CB  CG   sing N N 113 
PHI CB  HB2  sing N N 114 
PHI CB  HB3  sing N N 115 
PHI CG  CD1  doub Y N 116 
PHI CG  CD2  sing Y N 117 
PHI CD1 CE1  sing Y N 118 
PHI CD1 HD1  sing N N 119 
PHI CD2 CE2  doub Y N 120 
PHI CD2 HD2  sing N N 121 
PHI CE1 CZ   doub Y N 122 
PHI CE1 HE1  sing N N 123 
PHI CE2 CZ   sing Y N 124 
PHI CE2 HE2  sing N N 125 
PHI CZ  I    sing N N 126 
PHI C   O    doub N N 127 
PHI C   OXT  sing N N 128 
PHI OXT HXT  sing N N 129 
THR N   CA   sing N N 130 
THR N   H    sing N N 131 
THR N   H2   sing N N 132 
THR CA  C    sing N N 133 
THR CA  CB   sing N N 134 
THR CA  HA   sing N N 135 
THR C   O    doub N N 136 
THR C   OXT  sing N N 137 
THR CB  OG1  sing N N 138 
THR CB  CG2  sing N N 139 
THR CB  HB   sing N N 140 
THR OG1 HG1  sing N N 141 
THR CG2 HG21 sing N N 142 
THR CG2 HG22 sing N N 143 
THR CG2 HG23 sing N N 144 
THR OXT HXT  sing N N 145 
TYR N   CA   sing N N 146 
TYR N   H    sing N N 147 
TYR N   H2   sing N N 148 
TYR CA  C    sing N N 149 
TYR CA  CB   sing N N 150 
TYR CA  HA   sing N N 151 
TYR C   O    doub N N 152 
TYR C   OXT  sing N N 153 
TYR CB  CG   sing N N 154 
TYR CB  HB2  sing N N 155 
TYR CB  HB3  sing N N 156 
TYR CG  CD1  doub Y N 157 
TYR CG  CD2  sing Y N 158 
TYR CD1 CE1  sing Y N 159 
TYR CD1 HD1  sing N N 160 
TYR CD2 CE2  doub Y N 161 
TYR CD2 HD2  sing N N 162 
TYR CE1 CZ   doub Y N 163 
TYR CE1 HE1  sing N N 164 
TYR CE2 CZ   sing Y N 165 
TYR CE2 HE2  sing N N 166 
TYR CZ  OH   sing N N 167 
TYR OH  HH   sing N N 168 
TYR OXT HXT  sing N N 169 
VAL N   CA   sing N N 170 
VAL N   H    sing N N 171 
VAL N   H2   sing N N 172 
VAL CA  C    sing N N 173 
VAL CA  CB   sing N N 174 
VAL CA  HA   sing N N 175 
VAL C   O    doub N N 176 
VAL C   OXT  sing N N 177 
VAL CB  CG1  sing N N 178 
VAL CB  CG2  sing N N 179 
VAL CB  HB   sing N N 180 
VAL CG1 HG11 sing N N 181 
VAL CG1 HG12 sing N N 182 
VAL CG1 HG13 sing N N 183 
VAL CG2 HG21 sing N N 184 
VAL CG2 HG22 sing N N 185 
VAL CG2 HG23 sing N N 186 
VAL OXT HXT  sing N N 187 
Y1V NA  CA   sing N N 188 
Y1V CM  CG   sing N N 189 
Y1V CG  CB   sing N N 190 
Y1V CG  CD   sing N N 191 
Y1V CA  CB   sing N N 192 
Y1V CA  C    sing N N 193 
Y1V CD  N    sing N N 194 
Y1V O   C    doub N N 195 
Y1V C   OXT  sing N N 196 
Y1V CB  HB3  sing N N 197 
Y1V CB  HB2  sing N N 198 
Y1V CG  HG2  sing N N 199 
Y1V CD  HD2  sing N N 200 
Y1V CD  HD3  sing N N 201 
Y1V N   H    sing N N 202 
Y1V N   H2   sing N N 203 
Y1V CM  HM11 sing N N 204 
Y1V CM  HM1  sing N N 205 
Y1V CM  HM2  sing N N 206 
Y1V CA  HA   sing N N 207 
Y1V NA  HN1  sing N N 208 
Y1V NA  HN3  sing N N 209 
Y1V OXT HXT  sing N N 210 
# 
_pdbx_audit_support.funding_organization   
'National Institutes of Health/National Institute of General Medical Sciences (NIH/NIGMS)' 
_pdbx_audit_support.country                'United States' 
_pdbx_audit_support.grant_number           GM097562 
_pdbx_audit_support.ordinal                1 
# 
_pdbx_entity_instance_feature.ordinal        1 
_pdbx_entity_instance_feature.comp_id        Y1V 
_pdbx_entity_instance_feature.asym_id        ? 
_pdbx_entity_instance_feature.seq_num        ? 
_pdbx_entity_instance_feature.auth_comp_id   Y1V 
_pdbx_entity_instance_feature.auth_asym_id   ? 
_pdbx_entity_instance_feature.auth_seq_num   ? 
_pdbx_entity_instance_feature.feature_type   'SUBJECT OF INVESTIGATION' 
_pdbx_entity_instance_feature.details        ? 
# 
_pdbx_entity_nonpoly.entity_id   2 
_pdbx_entity_nonpoly.name        water 
_pdbx_entity_nonpoly.comp_id     HOH 
# 
_pdbx_struct_assembly_auth_evidence.id                     1 
_pdbx_struct_assembly_auth_evidence.assembly_id            1 
_pdbx_struct_assembly_auth_evidence.experimental_support   none 
_pdbx_struct_assembly_auth_evidence.details                ? 
# 
_space_group.name_H-M_alt     'I 4 2 2' 
_space_group.name_Hall        'I 4 2' 
_space_group.IT_number        97 
_space_group.crystal_system   tetragonal 
_space_group.id               1 
# 
